data_9MDW
# 
_entry.id   9MDW 
# 
_audit_conform.dict_name       mmcif_pdbx.dic 
_audit_conform.dict_version    5.403 
_audit_conform.dict_location   http://mmcif.pdb.org/dictionaries/ascii/mmcif_pdbx.dic 
# 
loop_
_database_2.database_id 
_database_2.database_code 
_database_2.pdbx_database_accession 
_database_2.pdbx_DOI 
PDB   9MDW         pdb_00009mdw 10.2210/pdb9mdw/pdb 
WWPDB D_1000290712 ?            ?                   
# 
loop_
_pdbx_audit_revision_history.ordinal 
_pdbx_audit_revision_history.data_content_type 
_pdbx_audit_revision_history.major_revision 
_pdbx_audit_revision_history.minor_revision 
_pdbx_audit_revision_history.revision_date 
_pdbx_audit_revision_history.part_number 
1 'Structure model' 1 0 2025-05-14 ? 
2 'Structure model' 1 1 2025-05-28 ? 
# 
_pdbx_audit_revision_details.ordinal             1 
_pdbx_audit_revision_details.revision_ordinal    1 
_pdbx_audit_revision_details.data_content_type   'Structure model' 
_pdbx_audit_revision_details.provider            repository 
_pdbx_audit_revision_details.type                'Initial release' 
_pdbx_audit_revision_details.description         ? 
_pdbx_audit_revision_details.details             ? 
# 
_pdbx_audit_revision_group.ordinal             1 
_pdbx_audit_revision_group.revision_ordinal    2 
_pdbx_audit_revision_group.data_content_type   'Structure model' 
_pdbx_audit_revision_group.group               'Database references' 
# 
loop_
_pdbx_audit_revision_category.ordinal 
_pdbx_audit_revision_category.revision_ordinal 
_pdbx_audit_revision_category.data_content_type 
_pdbx_audit_revision_category.category 
1 2 'Structure model' citation        
2 2 'Structure model' citation_author 
# 
loop_
_pdbx_audit_revision_item.ordinal 
_pdbx_audit_revision_item.revision_ordinal 
_pdbx_audit_revision_item.data_content_type 
_pdbx_audit_revision_item.item 
1  2 'Structure model' '_citation.country'                 
2  2 'Structure model' '_citation.journal_abbrev'          
3  2 'Structure model' '_citation.journal_id_ASTM'         
4  2 'Structure model' '_citation.journal_id_CSD'          
5  2 'Structure model' '_citation.journal_id_ISSN'         
6  2 'Structure model' '_citation.journal_volume'          
7  2 'Structure model' '_citation.page_first'              
8  2 'Structure model' '_citation.page_last'               
9  2 'Structure model' '_citation.pdbx_database_id_DOI'    
10 2 'Structure model' '_citation.pdbx_database_id_PubMed' 
11 2 'Structure model' '_citation.title'                   
12 2 'Structure model' '_citation.year'                    
# 
_pdbx_database_status.status_code                     REL 
_pdbx_database_status.status_code_sf                  REL 
_pdbx_database_status.status_code_mr                  ? 
_pdbx_database_status.entry_id                        9MDW 
_pdbx_database_status.recvd_initial_deposition_date   2024-12-05 
_pdbx_database_status.SG_entry                        N 
_pdbx_database_status.deposit_site                    RCSB 
_pdbx_database_status.process_site                    RCSB 
_pdbx_database_status.status_code_cs                  ? 
_pdbx_database_status.status_code_nmr_data            ? 
_pdbx_database_status.methods_development_category    ? 
_pdbx_database_status.pdb_format_compatible           Y 
# 
_pdbx_contact_author.id                 2 
_pdbx_contact_author.email              jwszostak@uchicago.edu 
_pdbx_contact_author.name_first         Jack 
_pdbx_contact_author.name_last          Szostak 
_pdbx_contact_author.name_mi            W. 
_pdbx_contact_author.role               'principal investigator/group leader' 
_pdbx_contact_author.identifier_ORCID   0000-0003-4131-1203 
# 
loop_
_audit_author.name 
_audit_author.pdbx_ordinal 
_audit_author.identifier_ORCID 
'Fang, Z.'      1 0000-0001-8679-6633 
'Jia, X.'       2 0000-0001-9094-9882 
'Szostak, J.W.' 3 0000-0003-4131-1203 
# 
_citation.abstract                  ? 
_citation.abstract_id_CAS           ? 
_citation.book_id_ISBN              ? 
_citation.book_publisher            ? 
_citation.book_publisher_city       ? 
_citation.book_title                ? 
_citation.coordinate_linkage        ? 
_citation.country                   US 
_citation.database_id_Medline       ? 
_citation.details                   ? 
_citation.id                        primary 
_citation.journal_abbrev            Proc.Natl.Acad.Sci.USA 
_citation.journal_id_ASTM           PNASA6 
_citation.journal_id_CSD            0040 
_citation.journal_id_ISSN           1091-6490 
_citation.journal_full              ? 
_citation.journal_issue             ? 
_citation.journal_volume            122 
_citation.language                  ? 
_citation.page_first                e2505720122 
_citation.page_last                 e2505720122 
_citation.title                     'Nonenzymatic RNA copying with a potentially primordial genetic alphabet.' 
_citation.year                      2025 
_citation.database_id_CSD           ? 
_citation.pdbx_database_id_DOI      10.1073/pnas.2505720122 
_citation.pdbx_database_id_PubMed   40397670 
_citation.pdbx_database_id_patent   ? 
_citation.unpublished_flag          ? 
# 
loop_
_citation_author.citation_id 
_citation_author.name 
_citation_author.ordinal 
_citation_author.identifier_ORCID 
primary 'Fang, Z.'      1 0000-0001-8679-6633 
primary 'Jia, X.'       2 0000-0001-9094-9882 
primary 'Xing, Y.'      3 0000-0002-4549-8370 
primary 'Szostak, J.W.' 4 0000-0003-4131-1203 
# 
loop_
_entity.id 
_entity.type 
_entity.src_method 
_entity.pdbx_description 
_entity.formula_weight 
_entity.pdbx_number_of_molecules 
_entity.pdbx_ec 
_entity.pdbx_mutation 
_entity.pdbx_fragment 
_entity.details 
1 polymer     syn '16mer RNA strand with all Watson-Crick base pairs' 5083.063 1  ? ? ? ? 
2 non-polymer syn 'MAGNESIUM ION'                                     24.305   3  ? ? ? ? 
3 water       nat water                                               18.015   98 ? ? ? ? 
# 
_entity_poly.entity_id                      1 
_entity_poly.type                           polyribonucleotide 
_entity_poly.nstd_linkage                   no 
_entity_poly.nstd_monomer                   no 
_entity_poly.pdbx_seq_one_letter_code       AGAGAAGAUCUUCUCU 
_entity_poly.pdbx_seq_one_letter_code_can   AGAGAAGAUCUUCUCU 
_entity_poly.pdbx_strand_id                 A 
_entity_poly.pdbx_target_identifier         ? 
# 
loop_
_pdbx_entity_nonpoly.entity_id 
_pdbx_entity_nonpoly.name 
_pdbx_entity_nonpoly.comp_id 
2 'MAGNESIUM ION' MG  
3 water           HOH 
# 
loop_
_entity_poly_seq.entity_id 
_entity_poly_seq.num 
_entity_poly_seq.mon_id 
_entity_poly_seq.hetero 
1 1  A n 
1 2  G n 
1 3  A n 
1 4  G n 
1 5  A n 
1 6  A n 
1 7  G n 
1 8  A n 
1 9  U n 
1 10 C n 
1 11 U n 
1 12 U n 
1 13 C n 
1 14 U n 
1 15 C n 
1 16 U n 
# 
_pdbx_entity_src_syn.entity_id              1 
_pdbx_entity_src_syn.pdbx_src_id            1 
_pdbx_entity_src_syn.pdbx_alt_source_flag   sample 
_pdbx_entity_src_syn.pdbx_beg_seq_num       1 
_pdbx_entity_src_syn.pdbx_end_seq_num       16 
_pdbx_entity_src_syn.organism_scientific    'synthetic construct' 
_pdbx_entity_src_syn.organism_common_name   ? 
_pdbx_entity_src_syn.ncbi_taxonomy_id       32630 
_pdbx_entity_src_syn.details                ? 
# 
loop_
_chem_comp.id 
_chem_comp.type 
_chem_comp.mon_nstd_flag 
_chem_comp.name 
_chem_comp.pdbx_synonyms 
_chem_comp.formula 
_chem_comp.formula_weight 
A   'RNA linking' y "ADENOSINE-5'-MONOPHOSPHATE" ? 'C10 H14 N5 O7 P' 347.221 
C   'RNA linking' y "CYTIDINE-5'-MONOPHOSPHATE"  ? 'C9 H14 N3 O8 P'  323.197 
G   'RNA linking' y "GUANOSINE-5'-MONOPHOSPHATE" ? 'C10 H14 N5 O8 P' 363.221 
HOH non-polymer   . WATER                        ? 'H2 O'            18.015  
MG  non-polymer   . 'MAGNESIUM ION'              ? 'Mg 2'            24.305  
U   'RNA linking' y "URIDINE-5'-MONOPHOSPHATE"   ? 'C9 H13 N2 O9 P'  324.181 
# 
loop_
_pdbx_poly_seq_scheme.asym_id 
_pdbx_poly_seq_scheme.entity_id 
_pdbx_poly_seq_scheme.seq_id 
_pdbx_poly_seq_scheme.mon_id 
_pdbx_poly_seq_scheme.ndb_seq_num 
_pdbx_poly_seq_scheme.pdb_seq_num 
_pdbx_poly_seq_scheme.auth_seq_num 
_pdbx_poly_seq_scheme.pdb_mon_id 
_pdbx_poly_seq_scheme.auth_mon_id 
_pdbx_poly_seq_scheme.pdb_strand_id 
_pdbx_poly_seq_scheme.pdb_ins_code 
_pdbx_poly_seq_scheme.hetero 
A 1 1  A 1  1  1  A A A . n 
A 1 2  G 2  2  2  G G A . n 
A 1 3  A 3  3  3  A A A . n 
A 1 4  G 4  4  4  G G A . n 
A 1 5  A 5  5  5  A A A . n 
A 1 6  A 6  6  6  A A A . n 
A 1 7  G 7  7  7  G G A . n 
A 1 8  A 8  8  8  A A A . n 
A 1 9  U 9  9  9  U U A . n 
A 1 10 C 10 10 10 C C A . n 
A 1 11 U 11 11 11 U U A . n 
A 1 12 U 12 12 12 U U A . n 
A 1 13 C 13 13 13 C C A . n 
A 1 14 U 14 14 14 U U A . n 
A 1 15 C 15 15 15 C C A . n 
A 1 16 U 16 16 16 U U A . n 
# 
loop_
_pdbx_nonpoly_scheme.asym_id 
_pdbx_nonpoly_scheme.entity_id 
_pdbx_nonpoly_scheme.mon_id 
_pdbx_nonpoly_scheme.ndb_seq_num 
_pdbx_nonpoly_scheme.pdb_seq_num 
_pdbx_nonpoly_scheme.auth_seq_num 
_pdbx_nonpoly_scheme.pdb_mon_id 
_pdbx_nonpoly_scheme.auth_mon_id 
_pdbx_nonpoly_scheme.pdb_strand_id 
_pdbx_nonpoly_scheme.pdb_ins_code 
B 2 MG  1  101 1   MG  MG  A . 
C 2 MG  1  102 2   MG  MG  A . 
D 2 MG  1  103 3   MG  MG  A . 
E 3 HOH 1  201 55  HOH HOH A . 
E 3 HOH 2  202 73  HOH HOH A . 
E 3 HOH 3  203 70  HOH HOH A . 
E 3 HOH 4  204 40  HOH HOH A . 
E 3 HOH 5  205 33  HOH HOH A . 
E 3 HOH 6  206 62  HOH HOH A . 
E 3 HOH 7  207 30  HOH HOH A . 
E 3 HOH 8  208 106 HOH HOH A . 
E 3 HOH 9  209 105 HOH HOH A . 
E 3 HOH 10 210 34  HOH HOH A . 
E 3 HOH 11 211 79  HOH HOH A . 
E 3 HOH 12 212 24  HOH HOH A . 
E 3 HOH 13 213 92  HOH HOH A . 
E 3 HOH 14 214 17  HOH HOH A . 
E 3 HOH 15 215 44  HOH HOH A . 
E 3 HOH 16 216 28  HOH HOH A . 
E 3 HOH 17 217 8   HOH HOH A . 
E 3 HOH 18 218 35  HOH HOH A . 
E 3 HOH 19 219 103 HOH HOH A . 
E 3 HOH 20 220 49  HOH HOH A . 
E 3 HOH 21 221 77  HOH HOH A . 
E 3 HOH 22 222 5   HOH HOH A . 
E 3 HOH 23 223 85  HOH HOH A . 
E 3 HOH 24 224 47  HOH HOH A . 
E 3 HOH 25 225 74  HOH HOH A . 
E 3 HOH 26 226 51  HOH HOH A . 
E 3 HOH 27 227 78  HOH HOH A . 
E 3 HOH 28 228 96  HOH HOH A . 
E 3 HOH 29 229 65  HOH HOH A . 
E 3 HOH 30 230 99  HOH HOH A . 
E 3 HOH 31 231 58  HOH HOH A . 
E 3 HOH 32 232 83  HOH HOH A . 
E 3 HOH 33 233 57  HOH HOH A . 
E 3 HOH 34 234 4   HOH HOH A . 
E 3 HOH 35 235 94  HOH HOH A . 
E 3 HOH 36 236 6   HOH HOH A . 
E 3 HOH 37 237 27  HOH HOH A . 
E 3 HOH 38 238 23  HOH HOH A . 
E 3 HOH 39 239 43  HOH HOH A . 
E 3 HOH 40 240 88  HOH HOH A . 
E 3 HOH 41 241 15  HOH HOH A . 
E 3 HOH 42 242 11  HOH HOH A . 
E 3 HOH 43 243 81  HOH HOH A . 
E 3 HOH 44 244 56  HOH HOH A . 
E 3 HOH 45 245 84  HOH HOH A . 
E 3 HOH 46 246 46  HOH HOH A . 
E 3 HOH 47 247 82  HOH HOH A . 
E 3 HOH 48 248 71  HOH HOH A . 
E 3 HOH 49 249 9   HOH HOH A . 
E 3 HOH 50 250 54  HOH HOH A . 
E 3 HOH 51 251 48  HOH HOH A . 
E 3 HOH 52 252 19  HOH HOH A . 
E 3 HOH 53 253 2   HOH HOH A . 
E 3 HOH 54 254 14  HOH HOH A . 
E 3 HOH 55 255 32  HOH HOH A . 
E 3 HOH 56 256 1   HOH HOH A . 
E 3 HOH 57 257 102 HOH HOH A . 
E 3 HOH 58 258 3   HOH HOH A . 
E 3 HOH 59 259 31  HOH HOH A . 
E 3 HOH 60 260 21  HOH HOH A . 
E 3 HOH 61 261 29  HOH HOH A . 
E 3 HOH 62 262 36  HOH HOH A . 
E 3 HOH 63 263 12  HOH HOH A . 
E 3 HOH 64 264 86  HOH HOH A . 
E 3 HOH 65 265 91  HOH HOH A . 
E 3 HOH 66 266 16  HOH HOH A . 
E 3 HOH 67 267 18  HOH HOH A . 
E 3 HOH 68 268 90  HOH HOH A . 
E 3 HOH 69 269 61  HOH HOH A . 
E 3 HOH 70 270 42  HOH HOH A . 
E 3 HOH 71 271 45  HOH HOH A . 
E 3 HOH 72 272 26  HOH HOH A . 
E 3 HOH 73 273 50  HOH HOH A . 
E 3 HOH 74 274 98  HOH HOH A . 
E 3 HOH 75 275 69  HOH HOH A . 
E 3 HOH 76 276 53  HOH HOH A . 
E 3 HOH 77 277 20  HOH HOH A . 
E 3 HOH 78 278 25  HOH HOH A . 
E 3 HOH 79 279 22  HOH HOH A . 
E 3 HOH 80 280 72  HOH HOH A . 
E 3 HOH 81 281 52  HOH HOH A . 
E 3 HOH 82 282 87  HOH HOH A . 
E 3 HOH 83 283 104 HOH HOH A . 
E 3 HOH 84 284 41  HOH HOH A . 
E 3 HOH 85 285 66  HOH HOH A . 
E 3 HOH 86 286 39  HOH HOH A . 
E 3 HOH 87 287 13  HOH HOH A . 
E 3 HOH 88 288 89  HOH HOH A . 
E 3 HOH 89 289 76  HOH HOH A . 
E 3 HOH 90 290 68  HOH HOH A . 
E 3 HOH 91 291 93  HOH HOH A . 
E 3 HOH 92 292 59  HOH HOH A . 
E 3 HOH 93 293 100 HOH HOH A . 
E 3 HOH 94 294 60  HOH HOH A . 
E 3 HOH 95 295 75  HOH HOH A . 
E 3 HOH 96 296 101 HOH HOH A . 
E 3 HOH 97 297 80  HOH HOH A . 
E 3 HOH 98 298 67  HOH HOH A . 
# 
loop_
_software.citation_id 
_software.classification 
_software.compiler_name 
_software.compiler_version 
_software.contact_author 
_software.contact_author_email 
_software.date 
_software.description 
_software.dependencies 
_software.hardware 
_software.language 
_software.location 
_software.mods 
_software.name 
_software.os 
_software.os_version 
_software.type 
_software.version 
_software.pdbx_ordinal 
? refinement       ? ? ? ? ? ? ? ? ? ? ? REFMAC   ? ? ? 5.8.0425 1 
? 'data reduction' ? ? ? ? ? ? ? ? ? ? ? HKL-2000 ? ? ? .        2 
? 'data scaling'   ? ? ? ? ? ? ? ? ? ? ? HKL-2000 ? ? ? .        3 
? phasing          ? ? ? ? ? ? ? ? ? ? ? PHASER   ? ? ? .        4 
# 
_cell.angle_alpha                  90.000 
_cell.angle_alpha_esd              ? 
_cell.angle_beta                   90.000 
_cell.angle_beta_esd               ? 
_cell.angle_gamma                  120.000 
_cell.angle_gamma_esd              ? 
_cell.entry_id                     9MDW 
_cell.details                      ? 
_cell.formula_units_Z              ? 
_cell.length_a                     41.159 
_cell.length_a_esd                 ? 
_cell.length_b                     41.159 
_cell.length_b_esd                 ? 
_cell.length_c                     124.195 
_cell.length_c_esd                 ? 
_cell.volume                       ? 
_cell.volume_esd                   ? 
_cell.Z_PDB                        18 
_cell.reciprocal_angle_alpha       ? 
_cell.reciprocal_angle_beta        ? 
_cell.reciprocal_angle_gamma       ? 
_cell.reciprocal_angle_alpha_esd   ? 
_cell.reciprocal_angle_beta_esd    ? 
_cell.reciprocal_angle_gamma_esd   ? 
_cell.reciprocal_length_a          ? 
_cell.reciprocal_length_b          ? 
_cell.reciprocal_length_c          ? 
_cell.reciprocal_length_a_esd      ? 
_cell.reciprocal_length_b_esd      ? 
_cell.reciprocal_length_c_esd      ? 
_cell.pdbx_unique_axis             ? 
_cell.pdbx_esd_method              ? 
# 
_symmetry.entry_id                         9MDW 
_symmetry.cell_setting                     ? 
_symmetry.Int_Tables_number                155 
_symmetry.space_group_name_Hall            ? 
_symmetry.space_group_name_H-M             'H 3 2' 
_symmetry.pdbx_full_space_group_name_H-M   ? 
# 
_exptl.absorpt_coefficient_mu     ? 
_exptl.absorpt_correction_T_max   ? 
_exptl.absorpt_correction_T_min   ? 
_exptl.absorpt_correction_type    ? 
_exptl.absorpt_process_details    ? 
_exptl.entry_id                   9MDW 
_exptl.crystals_number            1 
_exptl.details                    ? 
_exptl.method                     'X-RAY DIFFRACTION' 
_exptl.method_details             ? 
# 
_exptl_crystal.colour                       ? 
_exptl_crystal.density_diffrn               ? 
_exptl_crystal.density_Matthews             1.99 
_exptl_crystal.density_method               ? 
_exptl_crystal.density_percent_sol          38.24 
_exptl_crystal.description                  ? 
_exptl_crystal.F_000                        ? 
_exptl_crystal.id                           1 
_exptl_crystal.preparation                  ? 
_exptl_crystal.size_max                     ? 
_exptl_crystal.size_mid                     ? 
_exptl_crystal.size_min                     ? 
_exptl_crystal.size_rad                     ? 
_exptl_crystal.colour_lustre                ? 
_exptl_crystal.colour_modifier              ? 
_exptl_crystal.colour_primary               ? 
_exptl_crystal.density_meas                 ? 
_exptl_crystal.density_meas_esd             ? 
_exptl_crystal.density_meas_gt              ? 
_exptl_crystal.density_meas_lt              ? 
_exptl_crystal.density_meas_temp            ? 
_exptl_crystal.density_meas_temp_esd        ? 
_exptl_crystal.density_meas_temp_gt         ? 
_exptl_crystal.density_meas_temp_lt         ? 
_exptl_crystal.pdbx_crystal_image_url       ? 
_exptl_crystal.pdbx_crystal_image_format    ? 
_exptl_crystal.pdbx_mosaicity               ? 
_exptl_crystal.pdbx_mosaicity_esd           ? 
_exptl_crystal.pdbx_mosaic_method           ? 
_exptl_crystal.pdbx_mosaic_block_size       ? 
_exptl_crystal.pdbx_mosaic_block_size_esd   ? 
# 
_exptl_crystal_grow.apparatus       ? 
_exptl_crystal_grow.atmosphere      ? 
_exptl_crystal_grow.crystal_id      1 
_exptl_crystal_grow.details         ? 
_exptl_crystal_grow.method          'VAPOR DIFFUSION, SITTING DROP' 
_exptl_crystal_grow.method_ref      ? 
_exptl_crystal_grow.pH              7.5 
_exptl_crystal_grow.pressure        ? 
_exptl_crystal_grow.pressure_esd    ? 
_exptl_crystal_grow.seeding         ? 
_exptl_crystal_grow.seeding_ref     ? 
_exptl_crystal_grow.temp_details    ? 
_exptl_crystal_grow.temp_esd        ? 
_exptl_crystal_grow.time            ? 
_exptl_crystal_grow.pdbx_details    
'20 % v/v Polyethylene glycol 200, 50 mM HEPES pH 7.5, 200 mM Potassium Chloride, 25 mM Magnesium Sulfate' 
_exptl_crystal_grow.pdbx_pH_range   ? 
_exptl_crystal_grow.temp            298 
# 
_diffrn.ambient_environment              ? 
_diffrn.ambient_temp                     99 
_diffrn.ambient_temp_details             ? 
_diffrn.ambient_temp_esd                 ? 
_diffrn.crystal_id                       1 
_diffrn.crystal_support                  ? 
_diffrn.crystal_treatment                ? 
_diffrn.details                          ? 
_diffrn.id                               1 
_diffrn.ambient_pressure                 ? 
_diffrn.ambient_pressure_esd             ? 
_diffrn.ambient_pressure_gt              ? 
_diffrn.ambient_pressure_lt              ? 
_diffrn.ambient_temp_gt                  ? 
_diffrn.ambient_temp_lt                  ? 
_diffrn.pdbx_serial_crystal_experiment   N 
# 
_diffrn_detector.details                      ? 
_diffrn_detector.detector                     PIXEL 
_diffrn_detector.diffrn_id                    1 
_diffrn_detector.type                         'DECTRIS PILATUS3 2M' 
_diffrn_detector.area_resol_mean              ? 
_diffrn_detector.dtime                        ? 
_diffrn_detector.pdbx_frames_total            ? 
_diffrn_detector.pdbx_collection_time_total   ? 
_diffrn_detector.pdbx_collection_date         2024-10-30 
_diffrn_detector.pdbx_frequency               ? 
_diffrn_detector.id                           ? 
_diffrn_detector.number_of_axes               ? 
# 
_diffrn_radiation.collimation                      ? 
_diffrn_radiation.diffrn_id                        1 
_diffrn_radiation.filter_edge                      ? 
_diffrn_radiation.inhomogeneity                    ? 
_diffrn_radiation.monochromator                    ? 
_diffrn_radiation.polarisn_norm                    ? 
_diffrn_radiation.polarisn_ratio                   ? 
_diffrn_radiation.probe                            ? 
_diffrn_radiation.type                             ? 
_diffrn_radiation.xray_symbol                      ? 
_diffrn_radiation.wavelength_id                    1 
_diffrn_radiation.pdbx_monochromatic_or_laue_m_l   M 
_diffrn_radiation.pdbx_wavelength_list             ? 
_diffrn_radiation.pdbx_wavelength                  ? 
_diffrn_radiation.pdbx_diffrn_protocol             'SINGLE WAVELENGTH' 
_diffrn_radiation.pdbx_analyzer                    ? 
_diffrn_radiation.pdbx_scattering_type             x-ray 
# 
_diffrn_radiation_wavelength.id           1 
_diffrn_radiation_wavelength.wavelength   0.97741 
_diffrn_radiation_wavelength.wt           1.0 
# 
_diffrn_source.current                     ? 
_diffrn_source.details                     ? 
_diffrn_source.diffrn_id                   1 
_diffrn_source.power                       ? 
_diffrn_source.size                        ? 
_diffrn_source.source                      SYNCHROTRON 
_diffrn_source.target                      ? 
_diffrn_source.type                        'ALS BEAMLINE 5.0.1' 
_diffrn_source.voltage                     ? 
_diffrn_source.take-off_angle              ? 
_diffrn_source.pdbx_wavelength_list        0.97741 
_diffrn_source.pdbx_wavelength             ? 
_diffrn_source.pdbx_synchrotron_beamline   5.0.1 
_diffrn_source.pdbx_synchrotron_site       ALS 
# 
_reflns.B_iso_Wilson_estimate                          ? 
_reflns.entry_id                                       9MDW 
_reflns.data_reduction_details                         ? 
_reflns.data_reduction_method                          ? 
_reflns.d_resolution_high                              1.42 
_reflns.d_resolution_low                               50 
_reflns.details                                        ? 
_reflns.limit_h_max                                    ? 
_reflns.limit_h_min                                    ? 
_reflns.limit_k_max                                    ? 
_reflns.limit_k_min                                    ? 
_reflns.limit_l_max                                    ? 
_reflns.limit_l_min                                    ? 
_reflns.number_all                                     ? 
_reflns.number_obs                                     7975 
_reflns.observed_criterion                             ? 
_reflns.observed_criterion_F_max                       ? 
_reflns.observed_criterion_F_min                       ? 
_reflns.observed_criterion_I_max                       ? 
_reflns.observed_criterion_I_min                       ? 
_reflns.observed_criterion_sigma_F                     ? 
_reflns.observed_criterion_sigma_I                     ? 
_reflns.percent_possible_obs                           100 
_reflns.R_free_details                                 ? 
_reflns.Rmerge_F_all                                   ? 
_reflns.Rmerge_F_obs                                   ? 
_reflns.Friedel_coverage                               ? 
_reflns.number_gt                                      ? 
_reflns.threshold_expression                           ? 
_reflns.pdbx_redundancy                                9.0 
_reflns.pdbx_netI_over_av_sigmaI                       24.3 
_reflns.pdbx_netI_over_sigmaI                          4.2 
_reflns.pdbx_res_netI_over_av_sigmaI_2                 ? 
_reflns.pdbx_res_netI_over_sigmaI_2                    ? 
_reflns.pdbx_chi_squared                               0.963 
_reflns.pdbx_scaling_rejects                           ? 
_reflns.pdbx_d_res_high_opt                            ? 
_reflns.pdbx_d_res_low_opt                             ? 
_reflns.pdbx_d_res_opt_method                          ? 
_reflns.phase_calculation_details                      ? 
_reflns.pdbx_Rrim_I_all                                0.076 
_reflns.pdbx_Rpim_I_all                                0.027 
_reflns.pdbx_d_opt                                     ? 
_reflns.pdbx_number_measured_all                       ? 
_reflns.pdbx_diffrn_id                                 1 
_reflns.pdbx_ordinal                                   1 
_reflns.pdbx_CC_half                                   0.974 
_reflns.pdbx_CC_star                                   0.993 
_reflns.pdbx_R_split                                   ? 
_reflns.pdbx_Rmerge_I_obs                              0.071 
_reflns.pdbx_Rmerge_I_all                              ? 
_reflns.pdbx_Rsym_value                                ? 
_reflns.pdbx_CC_split_method                           ? 
_reflns.pdbx_aniso_diffraction_limit_axis_1_ortho[1]   ? 
_reflns.pdbx_aniso_diffraction_limit_axis_1_ortho[2]   ? 
_reflns.pdbx_aniso_diffraction_limit_axis_1_ortho[3]   ? 
_reflns.pdbx_aniso_diffraction_limit_axis_2_ortho[1]   ? 
_reflns.pdbx_aniso_diffraction_limit_axis_2_ortho[2]   ? 
_reflns.pdbx_aniso_diffraction_limit_axis_2_ortho[3]   ? 
_reflns.pdbx_aniso_diffraction_limit_axis_3_ortho[1]   ? 
_reflns.pdbx_aniso_diffraction_limit_axis_3_ortho[2]   ? 
_reflns.pdbx_aniso_diffraction_limit_axis_3_ortho[3]   ? 
_reflns.pdbx_aniso_diffraction_limit_1                 ? 
_reflns.pdbx_aniso_diffraction_limit_2                 ? 
_reflns.pdbx_aniso_diffraction_limit_3                 ? 
_reflns.pdbx_aniso_B_tensor_eigenvector_1_ortho[1]     ? 
_reflns.pdbx_aniso_B_tensor_eigenvector_1_ortho[2]     ? 
_reflns.pdbx_aniso_B_tensor_eigenvector_1_ortho[3]     ? 
_reflns.pdbx_aniso_B_tensor_eigenvector_2_ortho[1]     ? 
_reflns.pdbx_aniso_B_tensor_eigenvector_2_ortho[2]     ? 
_reflns.pdbx_aniso_B_tensor_eigenvector_2_ortho[3]     ? 
_reflns.pdbx_aniso_B_tensor_eigenvector_3_ortho[1]     ? 
_reflns.pdbx_aniso_B_tensor_eigenvector_3_ortho[2]     ? 
_reflns.pdbx_aniso_B_tensor_eigenvector_3_ortho[3]     ? 
_reflns.pdbx_aniso_B_tensor_eigenvalue_1               ? 
_reflns.pdbx_aniso_B_tensor_eigenvalue_2               ? 
_reflns.pdbx_aniso_B_tensor_eigenvalue_3               ? 
_reflns.pdbx_orthogonalization_convention              ? 
_reflns.pdbx_percent_possible_ellipsoidal              ? 
_reflns.pdbx_percent_possible_spherical                ? 
_reflns.pdbx_percent_possible_ellipsoidal_anomalous    ? 
_reflns.pdbx_percent_possible_spherical_anomalous      ? 
_reflns.pdbx_redundancy_anomalous                      ? 
_reflns.pdbx_CC_half_anomalous                         ? 
_reflns.pdbx_absDiff_over_sigma_anomalous              ? 
_reflns.pdbx_percent_possible_anomalous                ? 
_reflns.pdbx_observed_signal_threshold                 ? 
_reflns.pdbx_signal_type                               ? 
_reflns.pdbx_signal_details                            ? 
_reflns.pdbx_signal_software_id                        ? 
# 
_reflns_shell.d_res_high                                    1.42 
_reflns_shell.d_res_low                                     1.44 
_reflns_shell.meanI_over_sigI_all                           ? 
_reflns_shell.meanI_over_sigI_obs                           4.2 
_reflns_shell.number_measured_all                           ? 
_reflns_shell.number_measured_obs                           ? 
_reflns_shell.number_possible                               ? 
_reflns_shell.number_unique_all                             ? 
_reflns_shell.number_unique_obs                             385 
_reflns_shell.percent_possible_obs                          ? 
_reflns_shell.Rmerge_F_all                                  ? 
_reflns_shell.Rmerge_F_obs                                  ? 
_reflns_shell.meanI_over_sigI_gt                            ? 
_reflns_shell.meanI_over_uI_all                             ? 
_reflns_shell.meanI_over_uI_gt                              ? 
_reflns_shell.number_measured_gt                            ? 
_reflns_shell.number_unique_gt                              ? 
_reflns_shell.percent_possible_gt                           ? 
_reflns_shell.Rmerge_F_gt                                   ? 
_reflns_shell.Rmerge_I_gt                                   ? 
_reflns_shell.pdbx_redundancy                               8.6 
_reflns_shell.pdbx_chi_squared                              0.898 
_reflns_shell.pdbx_netI_over_sigmaI_all                     ? 
_reflns_shell.pdbx_netI_over_sigmaI_obs                     ? 
_reflns_shell.pdbx_Rrim_I_all                               0.511 
_reflns_shell.pdbx_Rpim_I_all                               0.172 
_reflns_shell.pdbx_rejects                                  ? 
_reflns_shell.pdbx_ordinal                                  1 
_reflns_shell.pdbx_diffrn_id                                1 
_reflns_shell.pdbx_CC_half                                  0.919 
_reflns_shell.pdbx_CC_star                                  0.979 
_reflns_shell.pdbx_R_split                                  ? 
_reflns_shell.percent_possible_all                          100 
_reflns_shell.Rmerge_I_all                                  ? 
_reflns_shell.Rmerge_I_obs                                  0.481 
_reflns_shell.pdbx_Rsym_value                               ? 
_reflns_shell.pdbx_percent_possible_ellipsoidal             ? 
_reflns_shell.pdbx_percent_possible_spherical               ? 
_reflns_shell.pdbx_percent_possible_ellipsoidal_anomalous   ? 
_reflns_shell.pdbx_percent_possible_spherical_anomalous     ? 
_reflns_shell.pdbx_redundancy_anomalous                     ? 
_reflns_shell.pdbx_CC_half_anomalous                        ? 
_reflns_shell.pdbx_absDiff_over_sigma_anomalous             ? 
_reflns_shell.pdbx_percent_possible_anomalous               ? 
# 
_refine.aniso_B[1][1]                            0.003 
_refine.aniso_B[1][2]                            0.002 
_refine.aniso_B[1][3]                            -0.000 
_refine.aniso_B[2][2]                            0.003 
_refine.aniso_B[2][3]                            -0.000 
_refine.aniso_B[3][3]                            -0.011 
_refine.B_iso_max                                ? 
_refine.B_iso_mean                               11.113 
_refine.B_iso_min                                ? 
_refine.correlation_coeff_Fo_to_Fc               0.968 
_refine.correlation_coeff_Fo_to_Fc_free          0.950 
_refine.details                                  'Hydrogens have been added in their riding positions' 
_refine.diff_density_max                         ? 
_refine.diff_density_max_esd                     ? 
_refine.diff_density_min                         ? 
_refine.diff_density_min_esd                     ? 
_refine.diff_density_rms                         ? 
_refine.diff_density_rms_esd                     ? 
_refine.entry_id                                 9MDW 
_refine.pdbx_refine_id                           'X-RAY DIFFRACTION' 
_refine.ls_abs_structure_details                 ? 
_refine.ls_abs_structure_Flack                   ? 
_refine.ls_abs_structure_Flack_esd               ? 
_refine.ls_abs_structure_Rogers                  ? 
_refine.ls_abs_structure_Rogers_esd              ? 
_refine.ls_d_res_high                            1.421 
_refine.ls_d_res_low                             41.398 
_refine.ls_extinction_coef                       ? 
_refine.ls_extinction_coef_esd                   ? 
_refine.ls_extinction_expression                 ? 
_refine.ls_extinction_method                     ? 
_refine.ls_goodness_of_fit_all                   ? 
_refine.ls_goodness_of_fit_all_esd               ? 
_refine.ls_goodness_of_fit_obs                   ? 
_refine.ls_goodness_of_fit_obs_esd               ? 
_refine.ls_hydrogen_treatment                    ? 
_refine.ls_matrix_type                           ? 
_refine.ls_number_constraints                    ? 
_refine.ls_number_parameters                     ? 
_refine.ls_number_reflns_all                     ? 
_refine.ls_number_reflns_obs                     7944 
_refine.ls_number_reflns_R_free                  386 
_refine.ls_number_reflns_R_work                  7558 
_refine.ls_number_restraints                     ? 
_refine.ls_percent_reflns_obs                    99.611 
_refine.ls_percent_reflns_R_free                 4.859 
_refine.ls_R_factor_all                          0.183 
_refine.ls_R_factor_obs                          ? 
_refine.ls_R_factor_R_free                       0.2203 
_refine.ls_R_factor_R_free_error                 ? 
_refine.ls_R_factor_R_free_error_details         ? 
_refine.ls_R_factor_R_work                       0.1812 
_refine.ls_R_Fsqd_factor_obs                     ? 
_refine.ls_R_I_factor_obs                        ? 
_refine.ls_redundancy_reflns_all                 ? 
_refine.ls_redundancy_reflns_obs                 ? 
_refine.ls_restrained_S_all                      ? 
_refine.ls_restrained_S_obs                      ? 
_refine.ls_shift_over_esd_max                    ? 
_refine.ls_shift_over_esd_mean                   ? 
_refine.ls_structure_factor_coef                 ? 
_refine.ls_weighting_details                     ? 
_refine.ls_weighting_scheme                      ? 
_refine.ls_wR_factor_all                         ? 
_refine.ls_wR_factor_obs                         ? 
_refine.ls_wR_factor_R_free                      ? 
_refine.ls_wR_factor_R_work                      ? 
_refine.occupancy_max                            ? 
_refine.occupancy_min                            ? 
_refine.solvent_model_details                    'MASK BULK SOLVENT' 
_refine.solvent_model_param_bsol                 ? 
_refine.solvent_model_param_ksol                 ? 
_refine.pdbx_R_complete                          ? 
_refine.ls_R_factor_gt                           ? 
_refine.ls_goodness_of_fit_gt                    ? 
_refine.ls_goodness_of_fit_ref                   ? 
_refine.ls_shift_over_su_max                     ? 
_refine.ls_shift_over_su_max_lt                  ? 
_refine.ls_shift_over_su_mean                    ? 
_refine.ls_shift_over_su_mean_lt                 ? 
_refine.pdbx_ls_sigma_I                          ? 
_refine.pdbx_ls_sigma_F                          ? 
_refine.pdbx_ls_sigma_Fsqd                       ? 
_refine.pdbx_data_cutoff_high_absF               ? 
_refine.pdbx_data_cutoff_high_rms_absF           ? 
_refine.pdbx_data_cutoff_low_absF                ? 
_refine.pdbx_isotropic_thermal_model             ? 
_refine.pdbx_ls_cross_valid_method               THROUGHOUT 
_refine.pdbx_method_to_determine_struct          'MOLECULAR REPLACEMENT' 
_refine.pdbx_starting_model                      ? 
_refine.pdbx_stereochemistry_target_values       ? 
_refine.pdbx_R_Free_selection_details            ? 
_refine.pdbx_stereochem_target_val_spec_case     ? 
_refine.pdbx_overall_ESU_R                       0.072 
_refine.pdbx_overall_ESU_R_Free                  0.077 
_refine.pdbx_solvent_vdw_probe_radii             1.200 
_refine.pdbx_solvent_ion_probe_radii             0.800 
_refine.pdbx_solvent_shrinkage_radii             0.800 
_refine.pdbx_real_space_R                        ? 
_refine.pdbx_density_correlation                 ? 
_refine.pdbx_pd_number_of_powder_patterns        ? 
_refine.pdbx_pd_number_of_points                 ? 
_refine.pdbx_pd_meas_number_of_points            ? 
_refine.pdbx_pd_proc_ls_prof_R_factor            ? 
_refine.pdbx_pd_proc_ls_prof_wR_factor           ? 
_refine.pdbx_pd_Marquardt_correlation_coeff      ? 
_refine.pdbx_pd_Fsqrd_R_factor                   ? 
_refine.pdbx_pd_ls_matrix_band_width             ? 
_refine.pdbx_overall_phase_error                 ? 
_refine.pdbx_overall_SU_R_free_Cruickshank_DPI   ? 
_refine.pdbx_overall_SU_R_free_Blow_DPI          ? 
_refine.pdbx_overall_SU_R_Blow_DPI               ? 
_refine.pdbx_TLS_residual_ADP_flag               ? 
_refine.pdbx_diffrn_id                           1 
_refine.overall_SU_B                             1.391 
_refine.overall_SU_ML                            0.055 
_refine.overall_SU_R_Cruickshank_DPI             ? 
_refine.overall_SU_R_free                        ? 
_refine.overall_FOM_free_R_set                   ? 
_refine.overall_FOM_work_R_set                   ? 
_refine.pdbx_average_fsc_overall                 ? 
_refine.pdbx_average_fsc_work                    ? 
_refine.pdbx_average_fsc_free                    ? 
# 
_refine_hist.pdbx_refine_id                   'X-RAY DIFFRACTION' 
_refine_hist.cycle_id                         LAST 
_refine_hist.pdbx_number_atoms_protein        0 
_refine_hist.pdbx_number_atoms_nucleic_acid   336 
_refine_hist.pdbx_number_atoms_ligand         3 
_refine_hist.number_atoms_solvent             98 
_refine_hist.number_atoms_total               437 
_refine_hist.d_res_high                       1.421 
_refine_hist.d_res_low                        41.398 
# 
loop_
_refine_ls_restr.pdbx_refine_id 
_refine_ls_restr.criterion 
_refine_ls_restr.dev_ideal 
_refine_ls_restr.dev_ideal_target 
_refine_ls_restr.number 
_refine_ls_restr.rejects 
_refine_ls_restr.type 
_refine_ls_restr.weight 
_refine_ls_restr.pdbx_restraint_function 
'X-RAY DIFFRACTION' ? 0.010 0.011  375 ? r_bond_refined_d               ? ? 
'X-RAY DIFFRACTION' ? 0.002 0.019  155 ? r_bond_other_d                 ? ? 
'X-RAY DIFFRACTION' ? 1.977 1.837  582 ? r_angle_refined_deg            ? ? 
'X-RAY DIFFRACTION' ? 0.716 1.650  379 ? r_angle_other_deg              ? ? 
'X-RAY DIFFRACTION' ? 0.050 5.000  11  ? r_dihedral_angle_other_2_deg   ? ? 
'X-RAY DIFFRACTION' ? 0.085 0.200  79  ? r_chiral_restr                 ? ? 
'X-RAY DIFFRACTION' ? 0.028 0.020  185 ? r_gen_planes_refined           ? ? 
'X-RAY DIFFRACTION' ? 0.001 0.020  59  ? r_gen_planes_other             ? ? 
'X-RAY DIFFRACTION' ? 0.087 0.200  35  ? r_nbd_refined                  ? ? 
'X-RAY DIFFRACTION' ? 0.193 0.200  149 ? r_symmetry_nbd_other           ? ? 
'X-RAY DIFFRACTION' ? 0.243 0.200  144 ? r_nbtor_refined                ? ? 
'X-RAY DIFFRACTION' ? 0.078 0.200  98  ? r_symmetry_nbtor_other         ? ? 
'X-RAY DIFFRACTION' ? 0.239 0.200  58  ? r_xyhbond_nbd_refined          ? ? 
'X-RAY DIFFRACTION' ? 0.087 0.200  9   ? r_symmetry_nbd_refined         ? ? 
'X-RAY DIFFRACTION' ? 0.140 0.200  64  ? r_nbd_other                    ? ? 
'X-RAY DIFFRACTION' ? 0.167 0.200  37  ? r_symmetry_xyhbond_nbd_refined ? ? 
'X-RAY DIFFRACTION' ? 1.261 1.222  375 ? r_scbond_it                    ? ? 
'X-RAY DIFFRACTION' ? 1.259 1.221  376 ? r_scbond_other                 ? ? 
'X-RAY DIFFRACTION' ? 1.802 2.237  582 ? r_scangle_it                   ? ? 
'X-RAY DIFFRACTION' ? 1.801 2.236  583 ? r_scangle_other                ? ? 
'X-RAY DIFFRACTION' ? 5.974 23.342 552 ? r_lrange_it                    ? ? 
'X-RAY DIFFRACTION' ? 5.753 17.375 519 ? r_lrange_other                 ? ? 
# 
loop_
_refine_ls_shell.pdbx_refine_id 
_refine_ls_shell.d_res_high 
_refine_ls_shell.d_res_low 
_refine_ls_shell.number_reflns_all 
_refine_ls_shell.number_reflns_obs 
_refine_ls_shell.number_reflns_R_free 
_refine_ls_shell.number_reflns_R_work 
_refine_ls_shell.percent_reflns_obs 
_refine_ls_shell.percent_reflns_R_free 
_refine_ls_shell.R_factor_all 
_refine_ls_shell.R_factor_obs 
_refine_ls_shell.R_factor_R_free_error 
_refine_ls_shell.R_factor_R_work 
_refine_ls_shell.redundancy_reflns_all 
_refine_ls_shell.redundancy_reflns_obs 
_refine_ls_shell.wR_factor_all 
_refine_ls_shell.wR_factor_obs 
_refine_ls_shell.wR_factor_R_free 
_refine_ls_shell.wR_factor_R_work 
_refine_ls_shell.pdbx_R_complete 
_refine_ls_shell.pdbx_total_number_of_bins_used 
_refine_ls_shell.pdbx_phase_error 
_refine_ls_shell.pdbx_fsc_work 
_refine_ls_shell.pdbx_fsc_free 
_refine_ls_shell.R_factor_R_free 
'X-RAY DIFFRACTION' 1.421 1.458  565 . 24 518 95.9292  . 0.238 . . 0.231 . . . . . 0.204 . 20 . 0.964 0.865 0.450 
'X-RAY DIFFRACTION' 1.458 1.498  559 . 24 534 99.8211  . 0.229 . . 0.228 . . . . . 0.201 . 20 . 0.965 0.963 0.248 
'X-RAY DIFFRACTION' 1.498 1.541  557 . 28 529 100.0000 . 0.220 . . 0.222 . . . . . 0.198 . 20 . 0.968 0.973 0.189 
'X-RAY DIFFRACTION' 1.541 1.588  535 . 26 509 100.0000 . 0.195 . . 0.195 . . . . . 0.170 . 20 . 0.976 0.977 0.192 
'X-RAY DIFFRACTION' 1.588 1.640  516 . 24 492 100.0000 . 0.204 . . 0.198 . . . . . 0.182 . 20 . 0.976 0.930 0.332 
'X-RAY DIFFRACTION' 1.640 1.698  500 . 32 468 100.0000 . 0.206 . . 0.200 . . . . . 0.183 . 20 . 0.976 0.961 0.282 
'X-RAY DIFFRACTION' 1.698 1.762  477 . 15 462 100.0000 . 0.197 . . 0.194 . . . . . 0.185 . 20 . 0.976 0.963 0.276 
'X-RAY DIFFRACTION' 1.762 1.834  471 . 19 452 100.0000 . 0.164 . . 0.164 . . . . . 0.159 . 20 . 0.981 0.991 0.149 
'X-RAY DIFFRACTION' 1.834 1.915  448 . 22 426 100.0000 . 0.189 . . 0.186 . . . . . 0.184 . 20 . 0.978 0.962 0.251 
'X-RAY DIFFRACTION' 1.915 2.008  422 . 20 402 100.0000 . 0.189 . . 0.193 . . . . . 0.198 . 20 . 0.975 0.989 0.127 
'X-RAY DIFFRACTION' 2.008 2.116  416 . 17 399 100.0000 . 0.182 . . 0.178 . . . . . 0.186 . 20 . 0.979 0.970 0.247 
'X-RAY DIFFRACTION' 2.116 2.244  390 . 20 370 100.0000 . 0.193 . . 0.188 . . . . . 0.204 . 20 . 0.976 0.951 0.275 
'X-RAY DIFFRACTION' 2.244 2.399  374 . 24 350 100.0000 . 0.202 . . 0.195 . . . . . 0.227 . 20 . 0.977 0.950 0.301 
'X-RAY DIFFRACTION' 2.399 2.590  346 . 19 327 100.0000 . 0.193 . . 0.191 . . . . . 0.226 . 20 . 0.979 0.957 0.233 
'X-RAY DIFFRACTION' 2.590 2.837  316 . 15 301 100.0000 . 0.188 . . 0.186 . . . . . 0.220 . 20 . 0.978 0.972 0.218 
'X-RAY DIFFRACTION' 2.837 3.170  298 . 15 282 99.6644  . 0.161 . . 0.161 . . . . . 0.204 . 20 . 0.985 0.981 0.163 
'X-RAY DIFFRACTION' 3.170 3.656  261 . 17 241 98.8506  . 0.135 . . 0.132 . . . . . 0.197 . 20 . 0.990 0.984 0.165 
'X-RAY DIFFRACTION' 3.656 4.469  226 . 13 213 100.0000 . 0.148 . . 0.147 . . . . . 0.212 . 20 . 0.987 0.989 0.159 
'X-RAY DIFFRACTION' 4.469 6.284  180 . 6  174 100.0000 . 0.168 . . 0.161 . . . . . 0.259 . 20 . 0.985 0.948 0.370 
'X-RAY DIFFRACTION' 6.284 41.398 118 . 6  109 97.4576  . 0.222 . . 0.227 . . . . . 0.365 . 20 . 0.963 0.987 0.164 
# 
_struct.entry_id                     9MDW 
_struct.title                        '16mer self-complementary duplex RNA with all Watson-Crick base pairs' 
_struct.pdbx_model_details           ? 
_struct.pdbx_formula_weight          ? 
_struct.pdbx_formula_weight_method   ? 
_struct.pdbx_model_type_details      ? 
_struct.pdbx_CASP_flag               N 
# 
_struct_keywords.entry_id        9MDW 
_struct_keywords.text            'RNA, Orgin of Life' 
_struct_keywords.pdbx_keywords   RNA 
# 
loop_
_struct_asym.id 
_struct_asym.pdbx_blank_PDB_chainid_flag 
_struct_asym.pdbx_modified 
_struct_asym.entity_id 
_struct_asym.details 
A N N 1 ? 
B N N 2 ? 
C N N 2 ? 
D N N 2 ? 
E N N 3 ? 
# 
_struct_ref.id                         1 
_struct_ref.db_name                    PDB 
_struct_ref.db_code                    9MDW 
_struct_ref.pdbx_db_accession          9MDW 
_struct_ref.pdbx_db_isoform            ? 
_struct_ref.entity_id                  1 
_struct_ref.pdbx_seq_one_letter_code   ? 
_struct_ref.pdbx_align_begin           1 
# 
_struct_ref_seq.align_id                      1 
_struct_ref_seq.ref_id                        1 
_struct_ref_seq.pdbx_PDB_id_code              9MDW 
_struct_ref_seq.pdbx_strand_id                A 
_struct_ref_seq.seq_align_beg                 1 
_struct_ref_seq.pdbx_seq_align_beg_ins_code   ? 
_struct_ref_seq.seq_align_end                 16 
_struct_ref_seq.pdbx_seq_align_end_ins_code   ? 
_struct_ref_seq.pdbx_db_accession             9MDW 
_struct_ref_seq.db_align_beg                  1 
_struct_ref_seq.pdbx_db_align_beg_ins_code    ? 
_struct_ref_seq.db_align_end                  16 
_struct_ref_seq.pdbx_db_align_end_ins_code    ? 
_struct_ref_seq.pdbx_auth_seq_align_beg       1 
_struct_ref_seq.pdbx_auth_seq_align_end       16 
# 
_pdbx_struct_assembly.id                   1 
_pdbx_struct_assembly.details              author_and_software_defined_assembly 
_pdbx_struct_assembly.method_details       PISA 
_pdbx_struct_assembly.oligomeric_details   dimeric 
_pdbx_struct_assembly.oligomeric_count     2 
# 
loop_
_pdbx_struct_assembly_gen.assembly_id 
_pdbx_struct_assembly_gen.oper_expression 
_pdbx_struct_assembly_gen.asym_id_list 
1 1 A,B,C,D,E 
1 2 A,B,C,D,E 
# 
_pdbx_struct_assembly_auth_evidence.id                     1 
_pdbx_struct_assembly_auth_evidence.assembly_id            1 
_pdbx_struct_assembly_auth_evidence.experimental_support   none 
_pdbx_struct_assembly_auth_evidence.details                ? 
# 
loop_
_pdbx_struct_oper_list.id 
_pdbx_struct_oper_list.type 
_pdbx_struct_oper_list.name 
_pdbx_struct_oper_list.symmetry_operation 
_pdbx_struct_oper_list.matrix[1][1] 
_pdbx_struct_oper_list.matrix[1][2] 
_pdbx_struct_oper_list.matrix[1][3] 
_pdbx_struct_oper_list.vector[1] 
_pdbx_struct_oper_list.matrix[2][1] 
_pdbx_struct_oper_list.matrix[2][2] 
_pdbx_struct_oper_list.matrix[2][3] 
_pdbx_struct_oper_list.vector[2] 
_pdbx_struct_oper_list.matrix[3][1] 
_pdbx_struct_oper_list.matrix[3][2] 
_pdbx_struct_oper_list.matrix[3][3] 
_pdbx_struct_oper_list.vector[3] 
1 'identity operation'         1_555 x,y,z  1.0000000000  0.0000000000 0.0000000000 0.0000000000  0.0000000000 1.0000000000  0.0000000000 0.0000000000  0.0000000000 0.0000000000 1.0000000000  0.0000000000 
2 'crystal symmetry operation' 4_555 y,x,-z -0.3551004623 0.5279323514 0.7714862890 -2.5887329353 0.5279323514 -0.5678201777 0.6315597186 -0.4423923851 0.7714862890 0.6315597186 -0.0770793600 2.4667009030 
# 
loop_
_struct_conn.id 
_struct_conn.conn_type_id 
_struct_conn.pdbx_leaving_atom_flag 
_struct_conn.pdbx_PDB_id 
_struct_conn.ptnr1_label_asym_id 
_struct_conn.ptnr1_label_comp_id 
_struct_conn.ptnr1_label_seq_id 
_struct_conn.ptnr1_label_atom_id 
_struct_conn.pdbx_ptnr1_label_alt_id 
_struct_conn.pdbx_ptnr1_PDB_ins_code 
_struct_conn.pdbx_ptnr1_standard_comp_id 
_struct_conn.ptnr1_symmetry 
_struct_conn.ptnr2_label_asym_id 
_struct_conn.ptnr2_label_comp_id 
_struct_conn.ptnr2_label_seq_id 
_struct_conn.ptnr2_label_atom_id 
_struct_conn.pdbx_ptnr2_label_alt_id 
_struct_conn.pdbx_ptnr2_PDB_ins_code 
_struct_conn.ptnr1_auth_asym_id 
_struct_conn.ptnr1_auth_comp_id 
_struct_conn.ptnr1_auth_seq_id 
_struct_conn.ptnr2_auth_asym_id 
_struct_conn.ptnr2_auth_comp_id 
_struct_conn.ptnr2_auth_seq_id 
_struct_conn.ptnr2_symmetry 
_struct_conn.pdbx_ptnr3_label_atom_id 
_struct_conn.pdbx_ptnr3_label_seq_id 
_struct_conn.pdbx_ptnr3_label_comp_id 
_struct_conn.pdbx_ptnr3_label_asym_id 
_struct_conn.pdbx_ptnr3_label_alt_id 
_struct_conn.pdbx_ptnr3_PDB_ins_code 
_struct_conn.details 
_struct_conn.pdbx_dist_value 
_struct_conn.pdbx_value_order 
_struct_conn.pdbx_role 
metalc1  metalc ? ? A A  6  "O2'" ? ? ? 1_555 D MG  .  MG ? ? A A  6   A MG  103 1_555 ? ? ? ? ? ? ?            2.688 ? ? 
metalc2  metalc ? ? A A  6  "O2'" ? ? ? 1_555 D MG  .  MG ? ? A A  6   A MG  103 2_655 ? ? ? ? ? ? ?            2.687 ? ? 
metalc3  metalc ? ? A G  7  OP1   ? ? ? 1_555 C MG  .  MG ? ? A G  7   A MG  102 1_555 ? ? ? ? ? ? ?            2.095 ? ? 
metalc4  metalc ? ? A G  7  OP1   ? ? ? 1_555 C MG  .  MG ? ? A G  7   A MG  102 2_655 ? ? ? ? ? ? ?            2.094 ? ? 
metalc5  metalc ? ? B MG .  MG    ? ? ? 1_555 E HOH .  O  ? ? A MG 101 A HOH 217 1_555 ? ? ? ? ? ? ?            2.291 ? ? 
metalc6  metalc ? ? B MG .  MG    ? ? ? 1_555 E HOH .  O  ? ? A MG 101 A HOH 236 1_555 ? ? ? ? ? ? ?            2.008 ? ? 
metalc7  metalc ? ? B MG .  MG    ? ? ? 1_555 E HOH .  O  ? ? A MG 101 A HOH 242 1_555 ? ? ? ? ? ? ?            2.158 ? ? 
metalc8  metalc ? ? B MG .  MG    ? ? ? 1_555 E HOH .  O  ? ? A MG 101 A HOH 294 1_555 ? ? ? ? ? ? ?            2.101 ? ? 
metalc9  metalc ? ? B MG .  MG    ? ? ? 1_555 E HOH .  O  ? ? A MG 101 A HOH 296 1_555 ? ? ? ? ? ? ?            2.045 ? ? 
metalc10 metalc ? ? C MG .  MG    ? ? ? 1_555 E HOH .  O  ? ? A MG 102 A HOH 252 1_555 ? ? ? ? ? ? ?            2.115 ? ? 
metalc11 metalc ? ? C MG .  MG    ? ? ? 1_555 E HOH .  O  ? ? A MG 102 A HOH 252 2_655 ? ? ? ? ? ? ?            2.116 ? ? 
hydrog1  hydrog ? ? A A  1  N1    ? ? ? 1_555 A U   16 N3 ? ? A A  1   A U   16  4_555 ? ? ? ? ? ? WATSON-CRICK ?     ? ? 
hydrog2  hydrog ? ? A A  1  N6    ? ? ? 1_555 A U   16 O4 ? ? A A  1   A U   16  4_555 ? ? ? ? ? ? WATSON-CRICK ?     ? ? 
hydrog3  hydrog ? ? A G  2  N1    ? ? ? 1_555 A C   15 N3 ? ? A G  2   A C   15  4_555 ? ? ? ? ? ? WATSON-CRICK ?     ? ? 
hydrog4  hydrog ? ? A G  2  N2    ? ? ? 1_555 A C   15 O2 ? ? A G  2   A C   15  4_555 ? ? ? ? ? ? WATSON-CRICK ?     ? ? 
hydrog5  hydrog ? ? A G  2  O6    ? ? ? 1_555 A C   15 N4 ? ? A G  2   A C   15  4_555 ? ? ? ? ? ? WATSON-CRICK ?     ? ? 
hydrog6  hydrog ? ? A A  3  N1    ? ? ? 1_555 A U   14 N3 ? ? A A  3   A U   14  4_555 ? ? ? ? ? ? WATSON-CRICK ?     ? ? 
hydrog7  hydrog ? ? A A  3  N6    ? ? ? 1_555 A U   14 O4 ? ? A A  3   A U   14  4_555 ? ? ? ? ? ? WATSON-CRICK ?     ? ? 
hydrog8  hydrog ? ? A G  4  N1    ? ? ? 1_555 A C   13 N3 ? ? A G  4   A C   13  4_555 ? ? ? ? ? ? WATSON-CRICK ?     ? ? 
hydrog9  hydrog ? ? A G  4  N2    ? ? ? 1_555 A C   13 O2 ? ? A G  4   A C   13  4_555 ? ? ? ? ? ? WATSON-CRICK ?     ? ? 
hydrog10 hydrog ? ? A G  4  O6    ? ? ? 1_555 A C   13 N4 ? ? A G  4   A C   13  4_555 ? ? ? ? ? ? WATSON-CRICK ?     ? ? 
hydrog11 hydrog ? ? A A  5  N1    ? ? ? 1_555 A U   12 N3 ? ? A A  5   A U   12  4_555 ? ? ? ? ? ? WATSON-CRICK ?     ? ? 
hydrog12 hydrog ? ? A A  5  N6    ? ? ? 1_555 A U   12 O4 ? ? A A  5   A U   12  4_555 ? ? ? ? ? ? WATSON-CRICK ?     ? ? 
hydrog13 hydrog ? ? A A  6  N1    ? ? ? 1_555 A U   11 N3 ? ? A A  6   A U   11  4_555 ? ? ? ? ? ? WATSON-CRICK ?     ? ? 
hydrog14 hydrog ? ? A A  6  N6    ? ? ? 1_555 A U   11 O4 ? ? A A  6   A U   11  4_555 ? ? ? ? ? ? WATSON-CRICK ?     ? ? 
hydrog15 hydrog ? ? A G  7  N1    ? ? ? 1_555 A C   10 N3 ? ? A G  7   A C   10  4_555 ? ? ? ? ? ? WATSON-CRICK ?     ? ? 
hydrog16 hydrog ? ? A G  7  N2    ? ? ? 1_555 A C   10 O2 ? ? A G  7   A C   10  4_555 ? ? ? ? ? ? WATSON-CRICK ?     ? ? 
hydrog17 hydrog ? ? A G  7  O6    ? ? ? 1_555 A C   10 N4 ? ? A G  7   A C   10  4_555 ? ? ? ? ? ? WATSON-CRICK ?     ? ? 
hydrog18 hydrog ? ? A A  8  N1    ? ? ? 1_555 A U   9  N3 ? ? A A  8   A U   9   4_555 ? ? ? ? ? ? WATSON-CRICK ?     ? ? 
hydrog19 hydrog ? ? A A  8  N6    ? ? ? 1_555 A U   9  O4 ? ? A A  8   A U   9   4_555 ? ? ? ? ? ? WATSON-CRICK ?     ? ? 
hydrog20 hydrog ? ? A U  9  N3    ? ? ? 1_555 A A   8  N1 ? ? A U  9   A A   8   4_555 ? ? ? ? ? ? WATSON-CRICK ?     ? ? 
hydrog21 hydrog ? ? A U  9  O4    ? ? ? 1_555 A A   8  N6 ? ? A U  9   A A   8   4_555 ? ? ? ? ? ? WATSON-CRICK ?     ? ? 
hydrog22 hydrog ? ? A C  10 N3    ? ? ? 1_555 A G   7  N1 ? ? A C  10  A G   7   4_555 ? ? ? ? ? ? WATSON-CRICK ?     ? ? 
hydrog23 hydrog ? ? A C  10 N4    ? ? ? 1_555 A G   7  O6 ? ? A C  10  A G   7   4_555 ? ? ? ? ? ? WATSON-CRICK ?     ? ? 
hydrog24 hydrog ? ? A C  10 O2    ? ? ? 1_555 A G   7  N2 ? ? A C  10  A G   7   4_555 ? ? ? ? ? ? WATSON-CRICK ?     ? ? 
hydrog25 hydrog ? ? A U  11 N3    ? ? ? 1_555 A A   6  N1 ? ? A U  11  A A   6   4_555 ? ? ? ? ? ? WATSON-CRICK ?     ? ? 
hydrog26 hydrog ? ? A U  11 O4    ? ? ? 1_555 A A   6  N6 ? ? A U  11  A A   6   4_555 ? ? ? ? ? ? WATSON-CRICK ?     ? ? 
hydrog27 hydrog ? ? A U  12 N3    ? ? ? 1_555 A A   5  N1 ? ? A U  12  A A   5   4_555 ? ? ? ? ? ? WATSON-CRICK ?     ? ? 
hydrog28 hydrog ? ? A U  12 O4    ? ? ? 1_555 A A   5  N6 ? ? A U  12  A A   5   4_555 ? ? ? ? ? ? WATSON-CRICK ?     ? ? 
hydrog29 hydrog ? ? A C  13 N3    ? ? ? 1_555 A G   4  N1 ? ? A C  13  A G   4   4_555 ? ? ? ? ? ? WATSON-CRICK ?     ? ? 
hydrog30 hydrog ? ? A C  13 N4    ? ? ? 1_555 A G   4  O6 ? ? A C  13  A G   4   4_555 ? ? ? ? ? ? WATSON-CRICK ?     ? ? 
hydrog31 hydrog ? ? A C  13 O2    ? ? ? 1_555 A G   4  N2 ? ? A C  13  A G   4   4_555 ? ? ? ? ? ? WATSON-CRICK ?     ? ? 
hydrog32 hydrog ? ? A U  14 N3    ? ? ? 1_555 A A   3  N1 ? ? A U  14  A A   3   4_555 ? ? ? ? ? ? WATSON-CRICK ?     ? ? 
hydrog33 hydrog ? ? A U  14 O4    ? ? ? 1_555 A A   3  N6 ? ? A U  14  A A   3   4_555 ? ? ? ? ? ? WATSON-CRICK ?     ? ? 
hydrog34 hydrog ? ? A C  15 N3    ? ? ? 1_555 A G   2  N1 ? ? A C  15  A G   2   4_555 ? ? ? ? ? ? WATSON-CRICK ?     ? ? 
hydrog35 hydrog ? ? A C  15 N4    ? ? ? 1_555 A G   2  O6 ? ? A C  15  A G   2   4_555 ? ? ? ? ? ? WATSON-CRICK ?     ? ? 
hydrog36 hydrog ? ? A C  15 O2    ? ? ? 1_555 A G   2  N2 ? ? A C  15  A G   2   4_555 ? ? ? ? ? ? WATSON-CRICK ?     ? ? 
hydrog37 hydrog ? ? A U  16 N3    ? ? ? 1_555 A A   1  N1 ? ? A U  16  A A   1   4_555 ? ? ? ? ? ? WATSON-CRICK ?     ? ? 
hydrog38 hydrog ? ? A U  16 O4    ? ? ? 1_555 A A   1  N6 ? ? A U  16  A A   1   4_555 ? ? ? ? ? ? WATSON-CRICK ?     ? ? 
# 
loop_
_struct_conn_type.id 
_struct_conn_type.criteria 
_struct_conn_type.reference 
metalc ? ? 
hydrog ? ? 
# 
loop_
_pdbx_struct_conn_angle.id 
_pdbx_struct_conn_angle.ptnr1_label_atom_id 
_pdbx_struct_conn_angle.ptnr1_label_alt_id 
_pdbx_struct_conn_angle.ptnr1_label_asym_id 
_pdbx_struct_conn_angle.ptnr1_label_comp_id 
_pdbx_struct_conn_angle.ptnr1_label_seq_id 
_pdbx_struct_conn_angle.ptnr1_auth_atom_id 
_pdbx_struct_conn_angle.ptnr1_auth_asym_id 
_pdbx_struct_conn_angle.ptnr1_auth_comp_id 
_pdbx_struct_conn_angle.ptnr1_auth_seq_id 
_pdbx_struct_conn_angle.ptnr1_PDB_ins_code 
_pdbx_struct_conn_angle.ptnr1_symmetry 
_pdbx_struct_conn_angle.ptnr2_label_atom_id 
_pdbx_struct_conn_angle.ptnr2_label_alt_id 
_pdbx_struct_conn_angle.ptnr2_label_asym_id 
_pdbx_struct_conn_angle.ptnr2_label_comp_id 
_pdbx_struct_conn_angle.ptnr2_label_seq_id 
_pdbx_struct_conn_angle.ptnr2_auth_atom_id 
_pdbx_struct_conn_angle.ptnr2_auth_asym_id 
_pdbx_struct_conn_angle.ptnr2_auth_comp_id 
_pdbx_struct_conn_angle.ptnr2_auth_seq_id 
_pdbx_struct_conn_angle.ptnr2_PDB_ins_code 
_pdbx_struct_conn_angle.ptnr2_symmetry 
_pdbx_struct_conn_angle.ptnr3_label_atom_id 
_pdbx_struct_conn_angle.ptnr3_label_alt_id 
_pdbx_struct_conn_angle.ptnr3_label_asym_id 
_pdbx_struct_conn_angle.ptnr3_label_comp_id 
_pdbx_struct_conn_angle.ptnr3_label_seq_id 
_pdbx_struct_conn_angle.ptnr3_auth_atom_id 
_pdbx_struct_conn_angle.ptnr3_auth_asym_id 
_pdbx_struct_conn_angle.ptnr3_auth_comp_id 
_pdbx_struct_conn_angle.ptnr3_auth_seq_id 
_pdbx_struct_conn_angle.ptnr3_PDB_ins_code 
_pdbx_struct_conn_angle.ptnr3_symmetry 
_pdbx_struct_conn_angle.value 
_pdbx_struct_conn_angle.value_esd 
1  "O2'" ? A A   6 ? A A   6   ? 1_555 MG ? D MG . ? A MG 103 ? 1_555 "O2'" ? A A   6 ? A A   6   ? 1_555 0.0   ? 
2  OP1   ? A G   7 ? A G   7   ? 1_555 MG ? C MG . ? A MG 102 ? 1_555 OP1   ? A G   7 ? A G   7   ? 1_555 0.0   ? 
3  OP1   ? A G   7 ? A G   7   ? 1_555 MG ? C MG . ? A MG 102 ? 1_555 O     ? E HOH . ? A HOH 252 ? 1_555 82.8  ? 
4  OP1   ? A G   7 ? A G   7   ? 1_555 MG ? C MG . ? A MG 102 ? 1_555 O     ? E HOH . ? A HOH 252 ? 1_555 82.8  ? 
5  OP1   ? A G   7 ? A G   7   ? 1_555 MG ? C MG . ? A MG 102 ? 1_555 O     ? E HOH . ? A HOH 252 ? 2_655 91.1  ? 
6  OP1   ? A G   7 ? A G   7   ? 1_555 MG ? C MG . ? A MG 102 ? 1_555 O     ? E HOH . ? A HOH 252 ? 2_655 91.1  ? 
7  O     ? E HOH . ? A HOH 252 ? 1_555 MG ? C MG . ? A MG 102 ? 1_555 O     ? E HOH . ? A HOH 252 ? 2_655 84.9  ? 
8  O     ? E HOH . ? A HOH 217 ? 1_555 MG ? B MG . ? A MG 101 ? 1_555 O     ? E HOH . ? A HOH 236 ? 1_555 85.8  ? 
9  O     ? E HOH . ? A HOH 217 ? 1_555 MG ? B MG . ? A MG 101 ? 1_555 O     ? E HOH . ? A HOH 242 ? 1_555 101.3 ? 
10 O     ? E HOH . ? A HOH 236 ? 1_555 MG ? B MG . ? A MG 101 ? 1_555 O     ? E HOH . ? A HOH 242 ? 1_555 98.6  ? 
11 O     ? E HOH . ? A HOH 217 ? 1_555 MG ? B MG . ? A MG 101 ? 1_555 O     ? E HOH . ? A HOH 294 ? 1_555 166.2 ? 
12 O     ? E HOH . ? A HOH 236 ? 1_555 MG ? B MG . ? A MG 101 ? 1_555 O     ? E HOH . ? A HOH 294 ? 1_555 105.7 ? 
13 O     ? E HOH . ? A HOH 242 ? 1_555 MG ? B MG . ? A MG 101 ? 1_555 O     ? E HOH . ? A HOH 294 ? 1_555 84.8  ? 
14 O     ? E HOH . ? A HOH 217 ? 1_555 MG ? B MG . ? A MG 101 ? 1_555 O     ? E HOH . ? A HOH 296 ? 1_555 82.7  ? 
15 O     ? E HOH . ? A HOH 236 ? 1_555 MG ? B MG . ? A MG 101 ? 1_555 O     ? E HOH . ? A HOH 296 ? 1_555 168.5 ? 
16 O     ? E HOH . ? A HOH 242 ? 1_555 MG ? B MG . ? A MG 101 ? 1_555 O     ? E HOH . ? A HOH 296 ? 1_555 85.1  ? 
17 O     ? E HOH . ? A HOH 294 ? 1_555 MG ? B MG . ? A MG 101 ? 1_555 O     ? E HOH . ? A HOH 296 ? 1_555 85.5  ? 
# 
_pdbx_entry_details.entry_id                   9MDW 
_pdbx_entry_details.nonpolymer_details         ? 
_pdbx_entry_details.sequence_details           ? 
_pdbx_entry_details.compound_details           ? 
_pdbx_entry_details.source_details             ? 
_pdbx_entry_details.has_ligand_of_interest     N 
_pdbx_entry_details.has_protein_modification   N 
# 
loop_
_pdbx_validate_close_contact.id 
_pdbx_validate_close_contact.PDB_model_num 
_pdbx_validate_close_contact.auth_atom_id_1 
_pdbx_validate_close_contact.auth_asym_id_1 
_pdbx_validate_close_contact.auth_comp_id_1 
_pdbx_validate_close_contact.auth_seq_id_1 
_pdbx_validate_close_contact.PDB_ins_code_1 
_pdbx_validate_close_contact.label_alt_id_1 
_pdbx_validate_close_contact.auth_atom_id_2 
_pdbx_validate_close_contact.auth_asym_id_2 
_pdbx_validate_close_contact.auth_comp_id_2 
_pdbx_validate_close_contact.auth_seq_id_2 
_pdbx_validate_close_contact.PDB_ins_code_2 
_pdbx_validate_close_contact.label_alt_id_2 
_pdbx_validate_close_contact.dist 
1 1 O   A HOH 204 ? ? O A HOH 284 ? ? 1.92 
2 1 OP1 A U   16  ? ? O A HOH 201 ? ? 2.11 
3 1 O   A HOH 270 ? ? O A HOH 284 ? ? 2.18 
# 
_pdbx_validate_symm_contact.id                1 
_pdbx_validate_symm_contact.PDB_model_num     1 
_pdbx_validate_symm_contact.auth_atom_id_1    O 
_pdbx_validate_symm_contact.auth_asym_id_1    A 
_pdbx_validate_symm_contact.auth_comp_id_1    HOH 
_pdbx_validate_symm_contact.auth_seq_id_1     208 
_pdbx_validate_symm_contact.PDB_ins_code_1    ? 
_pdbx_validate_symm_contact.label_alt_id_1    ? 
_pdbx_validate_symm_contact.site_symmetry_1   1_555 
_pdbx_validate_symm_contact.auth_atom_id_2    O 
_pdbx_validate_symm_contact.auth_asym_id_2    A 
_pdbx_validate_symm_contact.auth_comp_id_2    HOH 
_pdbx_validate_symm_contact.auth_seq_id_2     209 
_pdbx_validate_symm_contact.PDB_ins_code_2    ? 
_pdbx_validate_symm_contact.label_alt_id_2    ? 
_pdbx_validate_symm_contact.site_symmetry_2   9_565 
_pdbx_validate_symm_contact.dist              2.05 
# 
_pdbx_validate_rmsd_angle.id                         1 
_pdbx_validate_rmsd_angle.PDB_model_num              1 
_pdbx_validate_rmsd_angle.auth_atom_id_1             "O5'" 
_pdbx_validate_rmsd_angle.auth_asym_id_1             A 
_pdbx_validate_rmsd_angle.auth_comp_id_1             U 
_pdbx_validate_rmsd_angle.auth_seq_id_1              11 
_pdbx_validate_rmsd_angle.PDB_ins_code_1             ? 
_pdbx_validate_rmsd_angle.label_alt_id_1             ? 
_pdbx_validate_rmsd_angle.auth_atom_id_2             P 
_pdbx_validate_rmsd_angle.auth_asym_id_2             A 
_pdbx_validate_rmsd_angle.auth_comp_id_2             U 
_pdbx_validate_rmsd_angle.auth_seq_id_2              11 
_pdbx_validate_rmsd_angle.PDB_ins_code_2             ? 
_pdbx_validate_rmsd_angle.label_alt_id_2             ? 
_pdbx_validate_rmsd_angle.auth_atom_id_3             OP2 
_pdbx_validate_rmsd_angle.auth_asym_id_3             A 
_pdbx_validate_rmsd_angle.auth_comp_id_3             U 
_pdbx_validate_rmsd_angle.auth_seq_id_3              11 
_pdbx_validate_rmsd_angle.PDB_ins_code_3             ? 
_pdbx_validate_rmsd_angle.label_alt_id_3             ? 
_pdbx_validate_rmsd_angle.angle_value                98.91 
_pdbx_validate_rmsd_angle.angle_target_value         105.70 
_pdbx_validate_rmsd_angle.angle_deviation            -6.79 
_pdbx_validate_rmsd_angle.angle_standard_deviation   0.90 
_pdbx_validate_rmsd_angle.linker_flag                N 
# 
_pdbx_validate_planes.id              1 
_pdbx_validate_planes.PDB_model_num   1 
_pdbx_validate_planes.auth_comp_id    C 
_pdbx_validate_planes.auth_asym_id    A 
_pdbx_validate_planes.auth_seq_id     15 
_pdbx_validate_planes.PDB_ins_code    ? 
_pdbx_validate_planes.label_alt_id    ? 
_pdbx_validate_planes.rmsd            0.061 
_pdbx_validate_planes.type            'SIDE CHAIN' 
# 
loop_
_pdbx_struct_special_symmetry.id 
_pdbx_struct_special_symmetry.PDB_model_num 
_pdbx_struct_special_symmetry.auth_asym_id 
_pdbx_struct_special_symmetry.auth_comp_id 
_pdbx_struct_special_symmetry.auth_seq_id 
_pdbx_struct_special_symmetry.PDB_ins_code 
_pdbx_struct_special_symmetry.label_asym_id 
_pdbx_struct_special_symmetry.label_comp_id 
_pdbx_struct_special_symmetry.label_seq_id 
1 1 A MG  102 ? C MG  . 
2 1 A MG  103 ? D MG  . 
3 1 A HOH 218 ? E HOH . 
4 1 A HOH 262 ? E HOH . 
5 1 A HOH 286 ? E HOH . 
# 
loop_
_chem_comp_atom.comp_id 
_chem_comp_atom.atom_id 
_chem_comp_atom.type_symbol 
_chem_comp_atom.pdbx_aromatic_flag 
_chem_comp_atom.pdbx_stereo_config 
_chem_comp_atom.pdbx_ordinal 
A   OP3    O  N N 1   
A   P      P  N N 2   
A   OP1    O  N N 3   
A   OP2    O  N N 4   
A   "O5'"  O  N N 5   
A   "C5'"  C  N N 6   
A   "C4'"  C  N R 7   
A   "O4'"  O  N N 8   
A   "C3'"  C  N S 9   
A   "O3'"  O  N N 10  
A   "C2'"  C  N R 11  
A   "O2'"  O  N N 12  
A   "C1'"  C  N R 13  
A   N9     N  Y N 14  
A   C8     C  Y N 15  
A   N7     N  Y N 16  
A   C5     C  Y N 17  
A   C6     C  Y N 18  
A   N6     N  N N 19  
A   N1     N  Y N 20  
A   C2     C  Y N 21  
A   N3     N  Y N 22  
A   C4     C  Y N 23  
A   HOP3   H  N N 24  
A   HOP2   H  N N 25  
A   "H5'"  H  N N 26  
A   "H5''" H  N N 27  
A   "H4'"  H  N N 28  
A   "H3'"  H  N N 29  
A   "HO3'" H  N N 30  
A   "H2'"  H  N N 31  
A   "HO2'" H  N N 32  
A   "H1'"  H  N N 33  
A   H8     H  N N 34  
A   H61    H  N N 35  
A   H62    H  N N 36  
A   H2     H  N N 37  
C   OP3    O  N N 38  
C   P      P  N N 39  
C   OP1    O  N N 40  
C   OP2    O  N N 41  
C   "O5'"  O  N N 42  
C   "C5'"  C  N N 43  
C   "C4'"  C  N R 44  
C   "O4'"  O  N N 45  
C   "C3'"  C  N S 46  
C   "O3'"  O  N N 47  
C   "C2'"  C  N R 48  
C   "O2'"  O  N N 49  
C   "C1'"  C  N R 50  
C   N1     N  N N 51  
C   C2     C  N N 52  
C   O2     O  N N 53  
C   N3     N  N N 54  
C   C4     C  N N 55  
C   N4     N  N N 56  
C   C5     C  N N 57  
C   C6     C  N N 58  
C   HOP3   H  N N 59  
C   HOP2   H  N N 60  
C   "H5'"  H  N N 61  
C   "H5''" H  N N 62  
C   "H4'"  H  N N 63  
C   "H3'"  H  N N 64  
C   "HO3'" H  N N 65  
C   "H2'"  H  N N 66  
C   "HO2'" H  N N 67  
C   "H1'"  H  N N 68  
C   H41    H  N N 69  
C   H42    H  N N 70  
C   H5     H  N N 71  
C   H6     H  N N 72  
G   OP3    O  N N 73  
G   P      P  N N 74  
G   OP1    O  N N 75  
G   OP2    O  N N 76  
G   "O5'"  O  N N 77  
G   "C5'"  C  N N 78  
G   "C4'"  C  N R 79  
G   "O4'"  O  N N 80  
G   "C3'"  C  N S 81  
G   "O3'"  O  N N 82  
G   "C2'"  C  N R 83  
G   "O2'"  O  N N 84  
G   "C1'"  C  N R 85  
G   N9     N  Y N 86  
G   C8     C  Y N 87  
G   N7     N  Y N 88  
G   C5     C  Y N 89  
G   C6     C  N N 90  
G   O6     O  N N 91  
G   N1     N  N N 92  
G   C2     C  N N 93  
G   N2     N  N N 94  
G   N3     N  N N 95  
G   C4     C  Y N 96  
G   HOP3   H  N N 97  
G   HOP2   H  N N 98  
G   "H5'"  H  N N 99  
G   "H5''" H  N N 100 
G   "H4'"  H  N N 101 
G   "H3'"  H  N N 102 
G   "HO3'" H  N N 103 
G   "H2'"  H  N N 104 
G   "HO2'" H  N N 105 
G   "H1'"  H  N N 106 
G   H8     H  N N 107 
G   H1     H  N N 108 
G   H21    H  N N 109 
G   H22    H  N N 110 
HOH O      O  N N 111 
HOH H1     H  N N 112 
HOH H2     H  N N 113 
MG  MG     MG N N 114 
U   OP3    O  N N 115 
U   P      P  N N 116 
U   OP1    O  N N 117 
U   OP2    O  N N 118 
U   "O5'"  O  N N 119 
U   "C5'"  C  N N 120 
U   "C4'"  C  N R 121 
U   "O4'"  O  N N 122 
U   "C3'"  C  N S 123 
U   "O3'"  O  N N 124 
U   "C2'"  C  N R 125 
U   "O2'"  O  N N 126 
U   "C1'"  C  N R 127 
U   N1     N  N N 128 
U   C2     C  N N 129 
U   O2     O  N N 130 
U   N3     N  N N 131 
U   C4     C  N N 132 
U   O4     O  N N 133 
U   C5     C  N N 134 
U   C6     C  N N 135 
U   HOP3   H  N N 136 
U   HOP2   H  N N 137 
U   "H5'"  H  N N 138 
U   "H5''" H  N N 139 
U   "H4'"  H  N N 140 
U   "H3'"  H  N N 141 
U   "HO3'" H  N N 142 
U   "H2'"  H  N N 143 
U   "HO2'" H  N N 144 
U   "H1'"  H  N N 145 
U   H3     H  N N 146 
U   H5     H  N N 147 
U   H6     H  N N 148 
# 
loop_
_chem_comp_bond.comp_id 
_chem_comp_bond.atom_id_1 
_chem_comp_bond.atom_id_2 
_chem_comp_bond.value_order 
_chem_comp_bond.pdbx_aromatic_flag 
_chem_comp_bond.pdbx_stereo_config 
_chem_comp_bond.pdbx_ordinal 
A   OP3   P      sing N N 1   
A   OP3   HOP3   sing N N 2   
A   P     OP1    doub N N 3   
A   P     OP2    sing N N 4   
A   P     "O5'"  sing N N 5   
A   OP2   HOP2   sing N N 6   
A   "O5'" "C5'"  sing N N 7   
A   "C5'" "C4'"  sing N N 8   
A   "C5'" "H5'"  sing N N 9   
A   "C5'" "H5''" sing N N 10  
A   "C4'" "O4'"  sing N N 11  
A   "C4'" "C3'"  sing N N 12  
A   "C4'" "H4'"  sing N N 13  
A   "O4'" "C1'"  sing N N 14  
A   "C3'" "O3'"  sing N N 15  
A   "C3'" "C2'"  sing N N 16  
A   "C3'" "H3'"  sing N N 17  
A   "O3'" "HO3'" sing N N 18  
A   "C2'" "O2'"  sing N N 19  
A   "C2'" "C1'"  sing N N 20  
A   "C2'" "H2'"  sing N N 21  
A   "O2'" "HO2'" sing N N 22  
A   "C1'" N9     sing N N 23  
A   "C1'" "H1'"  sing N N 24  
A   N9    C8     sing Y N 25  
A   N9    C4     sing Y N 26  
A   C8    N7     doub Y N 27  
A   C8    H8     sing N N 28  
A   N7    C5     sing Y N 29  
A   C5    C6     sing Y N 30  
A   C5    C4     doub Y N 31  
A   C6    N6     sing N N 32  
A   C6    N1     doub Y N 33  
A   N6    H61    sing N N 34  
A   N6    H62    sing N N 35  
A   N1    C2     sing Y N 36  
A   C2    N3     doub Y N 37  
A   C2    H2     sing N N 38  
A   N3    C4     sing Y N 39  
C   OP3   P      sing N N 40  
C   OP3   HOP3   sing N N 41  
C   P     OP1    doub N N 42  
C   P     OP2    sing N N 43  
C   P     "O5'"  sing N N 44  
C   OP2   HOP2   sing N N 45  
C   "O5'" "C5'"  sing N N 46  
C   "C5'" "C4'"  sing N N 47  
C   "C5'" "H5'"  sing N N 48  
C   "C5'" "H5''" sing N N 49  
C   "C4'" "O4'"  sing N N 50  
C   "C4'" "C3'"  sing N N 51  
C   "C4'" "H4'"  sing N N 52  
C   "O4'" "C1'"  sing N N 53  
C   "C3'" "O3'"  sing N N 54  
C   "C3'" "C2'"  sing N N 55  
C   "C3'" "H3'"  sing N N 56  
C   "O3'" "HO3'" sing N N 57  
C   "C2'" "O2'"  sing N N 58  
C   "C2'" "C1'"  sing N N 59  
C   "C2'" "H2'"  sing N N 60  
C   "O2'" "HO2'" sing N N 61  
C   "C1'" N1     sing N N 62  
C   "C1'" "H1'"  sing N N 63  
C   N1    C2     sing N N 64  
C   N1    C6     sing N N 65  
C   C2    O2     doub N N 66  
C   C2    N3     sing N N 67  
C   N3    C4     doub N N 68  
C   C4    N4     sing N N 69  
C   C4    C5     sing N N 70  
C   N4    H41    sing N N 71  
C   N4    H42    sing N N 72  
C   C5    C6     doub N N 73  
C   C5    H5     sing N N 74  
C   C6    H6     sing N N 75  
G   OP3   P      sing N N 76  
G   OP3   HOP3   sing N N 77  
G   P     OP1    doub N N 78  
G   P     OP2    sing N N 79  
G   P     "O5'"  sing N N 80  
G   OP2   HOP2   sing N N 81  
G   "O5'" "C5'"  sing N N 82  
G   "C5'" "C4'"  sing N N 83  
G   "C5'" "H5'"  sing N N 84  
G   "C5'" "H5''" sing N N 85  
G   "C4'" "O4'"  sing N N 86  
G   "C4'" "C3'"  sing N N 87  
G   "C4'" "H4'"  sing N N 88  
G   "O4'" "C1'"  sing N N 89  
G   "C3'" "O3'"  sing N N 90  
G   "C3'" "C2'"  sing N N 91  
G   "C3'" "H3'"  sing N N 92  
G   "O3'" "HO3'" sing N N 93  
G   "C2'" "O2'"  sing N N 94  
G   "C2'" "C1'"  sing N N 95  
G   "C2'" "H2'"  sing N N 96  
G   "O2'" "HO2'" sing N N 97  
G   "C1'" N9     sing N N 98  
G   "C1'" "H1'"  sing N N 99  
G   N9    C8     sing Y N 100 
G   N9    C4     sing Y N 101 
G   C8    N7     doub Y N 102 
G   C8    H8     sing N N 103 
G   N7    C5     sing Y N 104 
G   C5    C6     sing N N 105 
G   C5    C4     doub Y N 106 
G   C6    O6     doub N N 107 
G   C6    N1     sing N N 108 
G   N1    C2     sing N N 109 
G   N1    H1     sing N N 110 
G   C2    N2     sing N N 111 
G   C2    N3     doub N N 112 
G   N2    H21    sing N N 113 
G   N2    H22    sing N N 114 
G   N3    C4     sing N N 115 
HOH O     H1     sing N N 116 
HOH O     H2     sing N N 117 
U   OP3   P      sing N N 118 
U   OP3   HOP3   sing N N 119 
U   P     OP1    doub N N 120 
U   P     OP2    sing N N 121 
U   P     "O5'"  sing N N 122 
U   OP2   HOP2   sing N N 123 
U   "O5'" "C5'"  sing N N 124 
U   "C5'" "C4'"  sing N N 125 
U   "C5'" "H5'"  sing N N 126 
U   "C5'" "H5''" sing N N 127 
U   "C4'" "O4'"  sing N N 128 
U   "C4'" "C3'"  sing N N 129 
U   "C4'" "H4'"  sing N N 130 
U   "O4'" "C1'"  sing N N 131 
U   "C3'" "O3'"  sing N N 132 
U   "C3'" "C2'"  sing N N 133 
U   "C3'" "H3'"  sing N N 134 
U   "O3'" "HO3'" sing N N 135 
U   "C2'" "O2'"  sing N N 136 
U   "C2'" "C1'"  sing N N 137 
U   "C2'" "H2'"  sing N N 138 
U   "O2'" "HO2'" sing N N 139 
U   "C1'" N1     sing N N 140 
U   "C1'" "H1'"  sing N N 141 
U   N1    C2     sing N N 142 
U   N1    C6     sing N N 143 
U   C2    O2     doub N N 144 
U   C2    N3     sing N N 145 
U   N3    C4     sing N N 146 
U   N3    H3     sing N N 147 
U   C4    O4     doub N N 148 
U   C4    C5     sing N N 149 
U   C5    C6     doub N N 150 
U   C5    H5     sing N N 151 
U   C6    H6     sing N N 152 
# 
_ndb_struct_conf_na.entry_id   9MDW 
_ndb_struct_conf_na.feature    'a-form double helix' 
# 
loop_
_ndb_struct_na_base_pair.model_number 
_ndb_struct_na_base_pair.i_label_asym_id 
_ndb_struct_na_base_pair.i_label_comp_id 
_ndb_struct_na_base_pair.i_label_seq_id 
_ndb_struct_na_base_pair.i_symmetry 
_ndb_struct_na_base_pair.j_label_asym_id 
_ndb_struct_na_base_pair.j_label_comp_id 
_ndb_struct_na_base_pair.j_label_seq_id 
_ndb_struct_na_base_pair.j_symmetry 
_ndb_struct_na_base_pair.shear 
_ndb_struct_na_base_pair.stretch 
_ndb_struct_na_base_pair.stagger 
_ndb_struct_na_base_pair.buckle 
_ndb_struct_na_base_pair.propeller 
_ndb_struct_na_base_pair.opening 
_ndb_struct_na_base_pair.pair_number 
_ndb_struct_na_base_pair.pair_name 
_ndb_struct_na_base_pair.i_auth_asym_id 
_ndb_struct_na_base_pair.i_auth_seq_id 
_ndb_struct_na_base_pair.i_PDB_ins_code 
_ndb_struct_na_base_pair.j_auth_asym_id 
_ndb_struct_na_base_pair.j_auth_seq_id 
_ndb_struct_na_base_pair.j_PDB_ins_code 
_ndb_struct_na_base_pair.hbond_type_28 
_ndb_struct_na_base_pair.hbond_type_12 
1 A A 1  1_555 A U 16 4_555 -0.071 -0.119 0.053  0.179  -9.042  0.602  1  A_A1:U16_A A 1  ? A 16 ? 20 1 
1 A G 2  1_555 A C 15 4_555 -0.213 -0.220 -0.125 -4.455 -14.883 -1.295 2  A_G2:C15_A A 2  ? A 15 ? 19 1 
1 A A 3  1_555 A U 14 4_555 0.026  -0.089 0.026  -3.736 -12.031 0.747  3  A_A3:U14_A A 3  ? A 14 ? 20 1 
1 A G 4  1_555 A C 13 4_555 -0.414 -0.185 -0.137 -2.659 -10.977 -1.846 4  A_G4:C13_A A 4  ? A 13 ? 19 1 
1 A A 5  1_555 A U 12 4_555 0.068  -0.211 -0.106 -6.415 -8.825  1.771  5  A_A5:U12_A A 5  ? A 12 ? 20 1 
1 A A 6  1_555 A U 11 4_555 0.115  -0.061 -0.179 -9.075 -14.313 1.147  6  A_A6:U11_A A 6  ? A 11 ? 20 1 
1 A G 7  1_555 A C 10 4_555 -0.155 -0.153 0.060  -4.433 -10.569 -0.330 7  A_G7:C10_A A 7  ? A 10 ? 19 1 
1 A A 8  1_555 A U 9  4_555 -0.023 -0.131 -0.022 -0.348 -12.708 0.287  8  A_A8:U9_A  A 8  ? A 9  ? 20 1 
1 A U 9  1_555 A A 8  4_555 0.023  -0.131 -0.022 0.348  -12.708 0.287  9  A_U9:A8_A  A 9  ? A 8  ? 20 1 
1 A C 10 1_555 A G 7  4_555 0.155  -0.153 0.060  4.433  -10.569 -0.330 10 A_C10:G7_A A 10 ? A 7  ? 19 1 
1 A U 11 1_555 A A 6  4_555 -0.115 -0.061 -0.179 9.075  -14.313 1.147  11 A_U11:A6_A A 11 ? A 6  ? 20 1 
1 A U 12 1_555 A A 5  4_555 -0.068 -0.211 -0.106 6.415  -8.825  1.771  12 A_U12:A5_A A 12 ? A 5  ? 20 1 
1 A C 13 1_555 A G 4  4_555 0.414  -0.185 -0.137 2.659  -10.977 -1.846 13 A_C13:G4_A A 13 ? A 4  ? 19 1 
1 A U 14 1_555 A A 3  4_555 -0.026 -0.089 0.026  3.736  -12.031 0.747  14 A_U14:A3_A A 14 ? A 3  ? 20 1 
1 A C 15 1_555 A G 2  4_555 0.213  -0.220 -0.125 4.455  -14.883 -1.295 15 A_C15:G2_A A 15 ? A 2  ? 19 1 
1 A U 16 1_555 A A 1  4_555 0.071  -0.119 0.053  -0.179 -9.042  0.602  16 A_U16:A1_A A 16 ? A 1  ? 20 1 
# 
loop_
_ndb_struct_na_base_pair_step.model_number 
_ndb_struct_na_base_pair_step.i_label_asym_id_1 
_ndb_struct_na_base_pair_step.i_label_comp_id_1 
_ndb_struct_na_base_pair_step.i_label_seq_id_1 
_ndb_struct_na_base_pair_step.i_symmetry_1 
_ndb_struct_na_base_pair_step.j_label_asym_id_1 
_ndb_struct_na_base_pair_step.j_label_comp_id_1 
_ndb_struct_na_base_pair_step.j_label_seq_id_1 
_ndb_struct_na_base_pair_step.j_symmetry_1 
_ndb_struct_na_base_pair_step.i_label_asym_id_2 
_ndb_struct_na_base_pair_step.i_label_comp_id_2 
_ndb_struct_na_base_pair_step.i_label_seq_id_2 
_ndb_struct_na_base_pair_step.i_symmetry_2 
_ndb_struct_na_base_pair_step.j_label_asym_id_2 
_ndb_struct_na_base_pair_step.j_label_comp_id_2 
_ndb_struct_na_base_pair_step.j_label_seq_id_2 
_ndb_struct_na_base_pair_step.j_symmetry_2 
_ndb_struct_na_base_pair_step.shift 
_ndb_struct_na_base_pair_step.slide 
_ndb_struct_na_base_pair_step.rise 
_ndb_struct_na_base_pair_step.tilt 
_ndb_struct_na_base_pair_step.roll 
_ndb_struct_na_base_pair_step.twist 
_ndb_struct_na_base_pair_step.x_displacement 
_ndb_struct_na_base_pair_step.y_displacement 
_ndb_struct_na_base_pair_step.helical_rise 
_ndb_struct_na_base_pair_step.inclination 
_ndb_struct_na_base_pair_step.tip 
_ndb_struct_na_base_pair_step.helical_twist 
_ndb_struct_na_base_pair_step.step_number 
_ndb_struct_na_base_pair_step.step_name 
_ndb_struct_na_base_pair_step.i_auth_asym_id_1 
_ndb_struct_na_base_pair_step.i_auth_seq_id_1 
_ndb_struct_na_base_pair_step.i_PDB_ins_code_1 
_ndb_struct_na_base_pair_step.j_auth_asym_id_1 
_ndb_struct_na_base_pair_step.j_auth_seq_id_1 
_ndb_struct_na_base_pair_step.j_PDB_ins_code_1 
_ndb_struct_na_base_pair_step.i_auth_asym_id_2 
_ndb_struct_na_base_pair_step.i_auth_seq_id_2 
_ndb_struct_na_base_pair_step.i_PDB_ins_code_2 
_ndb_struct_na_base_pair_step.j_auth_asym_id_2 
_ndb_struct_na_base_pair_step.j_auth_seq_id_2 
_ndb_struct_na_base_pair_step.j_PDB_ins_code_2 
1 A A 1  1_555 A U 16 4_555 A G 2  1_555 A C 15 4_555 -0.645 -1.155 3.296 -0.601 7.576  34.428 -3.004 0.978  2.993 12.609 1.001  
35.232 1  AA_A1G2:C15U16_AA A 1  ? A 16 ? A 2  ? A 15 ? 
1 A G 2  1_555 A C 15 4_555 A A 3  1_555 A U 14 4_555 0.581  -1.198 3.175 -0.090 4.291  33.880 -2.684 -1.004 3.004 7.327  0.153  
34.143 2  AA_G2A3:U14C15_AA A 2  ? A 15 ? A 3  ? A 14 ? 
1 A A 3  1_555 A U 14 4_555 A G 4  1_555 A C 13 4_555 -0.243 -1.496 3.201 -0.252 10.773 30.816 -4.361 0.392  2.549 19.539 0.457  
32.603 3  AA_A3G4:C13U14_AA A 3  ? A 14 ? A 4  ? A 13 ? 
1 A G 4  1_555 A C 13 4_555 A A 5  1_555 A U 12 4_555 0.529  -1.654 3.376 0.066  11.306 31.186 -4.708 -0.918 2.634 20.216 -0.119 
33.124 4  AA_G4A5:U12C13_AA A 4  ? A 13 ? A 5  ? A 12 ? 
1 A A 5  1_555 A U 12 4_555 A A 6  1_555 A U 11 4_555 0.676  -1.620 3.337 4.462  14.501 31.977 -4.677 -0.498 2.466 24.663 -7.589 
35.308 5  AA_A5A6:U11U12_AA A 5  ? A 12 ? A 6  ? A 11 ? 
1 A A 6  1_555 A U 11 4_555 A G 7  1_555 A C 10 4_555 -0.032 -2.222 3.050 -0.391 10.576 24.808 -6.931 -0.012 1.955 23.309 0.862  
26.938 6  AA_A6G7:C10U11_AA A 6  ? A 11 ? A 7  ? A 10 ? 
1 A G 7  1_555 A C 10 4_555 A A 8  1_555 A U 9  4_555 -0.553 -1.404 3.150 -0.480 4.586  33.299 -3.130 0.882  2.943 7.955  0.833  
33.607 7  AA_G7A8:U9C10_AA  A 7  ? A 10 ? A 8  ? A 9  ? 
1 A A 8  1_555 A U 9  4_555 A U 9  1_555 A A 8  4_555 0.000  -1.057 3.201 0.000  9.959  31.645 -3.415 0.000  2.751 17.721 0.000  
33.137 8  AA_A8U9:A8U9_AA   A 8  ? A 9  ? A 9  ? A 8  ? 
1 A U 9  1_555 A A 8  4_555 A C 10 1_555 A G 7  4_555 0.553  -1.404 3.150 0.480  4.586  33.299 -3.130 -0.882 2.943 7.955  -0.833 
33.607 9  AA_U9C10:G7A8_AA  A 9  ? A 8  ? A 10 ? A 7  ? 
1 A C 10 1_555 A G 7  4_555 A U 11 1_555 A A 6  4_555 0.032  -2.222 3.050 0.391  10.576 24.808 -6.931 0.012  1.955 23.309 -0.862 
26.938 10 AA_C10U11:A6G7_AA A 10 ? A 7  ? A 11 ? A 6  ? 
1 A U 11 1_555 A A 6  4_555 A U 12 1_555 A A 5  4_555 -0.676 -1.620 3.337 -4.462 14.501 31.977 -4.677 0.498  2.466 24.663 7.589  
35.308 11 AA_U11U12:A5A6_AA A 11 ? A 6  ? A 12 ? A 5  ? 
1 A U 12 1_555 A A 5  4_555 A C 13 1_555 A G 4  4_555 -0.529 -1.654 3.376 -0.066 11.306 31.186 -4.708 0.918  2.634 20.216 0.119  
33.124 12 AA_U12C13:G4A5_AA A 12 ? A 5  ? A 13 ? A 4  ? 
1 A C 13 1_555 A G 4  4_555 A U 14 1_555 A A 3  4_555 0.243  -1.496 3.201 0.252  10.773 30.816 -4.361 -0.392 2.549 19.539 -0.457 
32.603 13 AA_C13U14:A3G4_AA A 13 ? A 4  ? A 14 ? A 3  ? 
1 A U 14 1_555 A A 3  4_555 A C 15 1_555 A G 2  4_555 -0.581 -1.198 3.175 0.090  4.291  33.880 -2.684 1.004  3.004 7.327  -0.153 
34.143 14 AA_U14C15:G2A3_AA A 14 ? A 3  ? A 15 ? A 2  ? 
1 A C 15 1_555 A G 2  4_555 A U 16 1_555 A A 1  4_555 0.645  -1.155 3.296 0.601  7.576  34.428 -3.004 -0.978 2.993 12.609 -1.001 
35.232 15 AA_C15U16:A1G2_AA A 15 ? A 2  ? A 16 ? A 1  ? 
# 
loop_
_pdbx_audit_support.funding_organization 
_pdbx_audit_support.country 
_pdbx_audit_support.grant_number 
_pdbx_audit_support.ordinal 
'National Science Foundation (NSF, United States)' 'United States' 2104708 1 
'Howard Hughes Medical Institute (HHMI)'           'United States' ?       2 
# 
_pdbx_initial_refinement_model.id               1 
_pdbx_initial_refinement_model.entity_id_list   ? 
_pdbx_initial_refinement_model.type             'experimental model' 
_pdbx_initial_refinement_model.source_name      PDB 
_pdbx_initial_refinement_model.accession_code   3nd4 
_pdbx_initial_refinement_model.details          ? 
# 
_atom_sites.entry_id                    9MDW 
_atom_sites.Cartn_transf_matrix[1][1]   ? 
_atom_sites.Cartn_transf_matrix[1][2]   ? 
_atom_sites.Cartn_transf_matrix[1][3]   ? 
_atom_sites.Cartn_transf_matrix[2][1]   ? 
_atom_sites.Cartn_transf_matrix[2][2]   ? 
_atom_sites.Cartn_transf_matrix[2][3]   ? 
_atom_sites.Cartn_transf_matrix[3][1]   ? 
_atom_sites.Cartn_transf_matrix[3][2]   ? 
_atom_sites.Cartn_transf_matrix[3][3]   ? 
_atom_sites.Cartn_transf_vector[1]      ? 
_atom_sites.Cartn_transf_vector[2]      ? 
_atom_sites.Cartn_transf_vector[3]      ? 
_atom_sites.Cartn_transform_axes        ? 
_atom_sites.fract_transf_matrix[1][1]   0.01477249 
_atom_sites.fract_transf_matrix[1][2]   -0.00062134 
_atom_sites.fract_transf_matrix[1][3]   0.02384197 
_atom_sites.fract_transf_matrix[2][1]   0.01282035 
_atom_sites.fract_transf_matrix[2][2]   0.02320964 
_atom_sites.fract_transf_matrix[2][3]   0.00916703 
_atom_sites.fract_transf_matrix[3][1]   -0.00660415 
_atom_sites.fract_transf_matrix[3][2]   0.00201107 
_atom_sites.fract_transf_matrix[3][3]   0.00414434 
_atom_sites.fract_transf_vector[1]      0.417982 
_atom_sites.fract_transf_vector[2]      0.438837 
_atom_sites.fract_transf_vector[3]      -0.013215 
_atom_sites.solution_primary            ? 
_atom_sites.solution_secondary          ? 
_atom_sites.solution_hydrogens          ? 
_atom_sites.special_details             ? 
# 
loop_
_atom_type.symbol 
_atom_type.pdbx_scat_Z 
_atom_type.pdbx_N_electrons 
_atom_type.scat_Cromer_Mann_a1 
_atom_type.scat_Cromer_Mann_b1 
_atom_type.scat_Cromer_Mann_a2 
_atom_type.scat_Cromer_Mann_b2 
_atom_type.scat_Cromer_Mann_a3 
_atom_type.scat_Cromer_Mann_b3 
_atom_type.scat_Cromer_Mann_a4 
_atom_type.scat_Cromer_Mann_b4 
_atom_type.scat_Cromer_Mann_c 
C  6  6  2.3103  20.8439 1.0201 10.2075 1.5888 0.5687  0.8651 51.6512 0.2156   
H  1  1  0.4930  10.5109 0.3229 26.1257 0.1402 3.1424  0.0408 57.7997 0.0030   
MG 12 12 5.4265  2.8275  2.1759 79.2611 1.2283 0.3808  2.3099 7.1937  0.8594   
N  7  7  12.2220 0.0057  3.1346 9.8933  2.0141 28.9975 1.1672 0.5826  -11.5379 
O  8  8  3.0487  13.2771 2.2870 5.7011  1.5464 0.3239  0.8671 32.9089 0.2508   
P  15 15 6.4348  1.9067  4.1793 27.1570 1.7801 0.5260  1.4909 68.1645 1.1150   
# 
loop_
_atom_site.group_PDB 
_atom_site.id 
_atom_site.type_symbol 
_atom_site.label_atom_id 
_atom_site.label_alt_id 
_atom_site.label_comp_id 
_atom_site.label_asym_id 
_atom_site.label_entity_id 
_atom_site.label_seq_id 
_atom_site.pdbx_PDB_ins_code 
_atom_site.Cartn_x 
_atom_site.Cartn_y 
_atom_site.Cartn_z 
_atom_site.occupancy 
_atom_site.B_iso_or_equiv 
_atom_site.pdbx_formal_charge 
_atom_site.auth_seq_id 
_atom_site.auth_comp_id 
_atom_site.auth_asym_id 
_atom_site.auth_atom_id 
_atom_site.pdbx_PDB_model_num 
_atom_site.calc_flag 
ATOM   1   O  "O5'" . A   A 1 1  ? -18.027 5.583   2.507   1.000 21.284 0 1   A   A "O5'" 1 ? 
ATOM   2   C  "C5'" . A   A 1 1  ? -18.097 6.711   1.632   1.000 15.222 0 1   A   A "C5'" 1 ? 
ATOM   3   C  "C4'" . A   A 1 1  ? -17.931 8.004   2.390   1.000 12.983 0 1   A   A "C4'" 1 ? 
ATOM   4   O  "O4'" . A   A 1 1  ? -18.883 8.098   3.482   1.000 11.453 0 1   A   A "O4'" 1 ? 
ATOM   5   C  "C3'" . A   A 1 1  ? -16.584 8.193   3.070   1.000 11.856 0 1   A   A "C3'" 1 ? 
ATOM   6   O  "O3'" . A   A 1 1  ? -15.693 8.770   2.149   1.000 11.971 0 1   A   A "O3'" 1 ? 
ATOM   7   C  "C2'" . A   A 1 1  ? -16.928 9.249   4.105   1.000 10.992 0 1   A   A "C2'" 1 ? 
ATOM   8   O  "O2'" . A   A 1 1  ? -17.143 10.550  3.607   1.000 10.940 0 1   A   A "O2'" 1 ? 
ATOM   9   C  "C1'" . A   A 1 1  ? -18.241 8.678   4.604   1.000 10.004 0 1   A   A "C1'" 1 ? 
ATOM   10  N  N9    . A   A 1 1  ? -18.184 7.656   5.638   1.000 9.328  0 1   A   A N9    1 ? 
ATOM   11  C  C8    . A   A 1 1  ? -18.514 6.321   5.554   1.000 9.326  0 1   A   A C8    1 ? 
ATOM   12  N  N7    . A   A 1 1  ? -18.489 5.685   6.697   1.000 9.820  0 1   A   A N7    1 ? 
ATOM   13  C  C5    . A   A 1 1  ? -18.087 6.668   7.598   1.000 8.474  0 1   A   A C5    1 ? 
ATOM   14  C  C6    . A   A 1 1  ? -17.939 6.648   8.990   1.000 8.210  0 1   A   A C6    1 ? 
ATOM   15  N  N6    . A   A 1 1  ? -18.124 5.593   9.756   1.000 8.718  0 1   A   A N6    1 ? 
ATOM   16  N  N1    . A   A 1 1  ? -17.561 7.788   9.583   1.000 7.676  0 1   A   A N1    1 ? 
ATOM   17  C  C2    . A   A 1 1  ? -17.391 8.881   8.837   1.000 7.335  0 1   A   A C2    1 ? 
ATOM   18  N  N3    . A   A 1 1  ? -17.552 9.034   7.533   1.000 7.920  0 1   A   A N3    1 ? 
ATOM   19  C  C4    . A   A 1 1  ? -17.923 7.879   6.967   1.000 8.301  0 1   A   A C4    1 ? 
ATOM   20  P  P     . G   A 1 2  ? -14.139 8.373   2.202   1.000 12.020 0 2   G   A P     1 ? 
ATOM   21  O  OP1   . G   A 1 2  ? -13.456 8.898   0.989   1.000 13.022 0 2   G   A OP1   1 ? 
ATOM   22  O  OP2   . G   A 1 2  ? -14.025 6.961   2.589   1.000 12.788 0 2   G   A OP2   1 ? 
ATOM   23  O  "O5'" . G   A 1 2  ? -13.641 9.226   3.445   1.000 12.442 0 2   G   A "O5'" 1 ? 
ATOM   24  C  "C5'" . G   A 1 2  ? -13.476 10.633  3.341   1.000 11.556 0 2   G   A "C5'" 1 ? 
ATOM   25  C  "C4'" . G   A 1 2  ? -13.062 11.185  4.682   1.000 11.203 0 2   G   A "C4'" 1 ? 
ATOM   26  O  "O4'" . G   A 1 2  ? -14.133 11.009  5.632   1.000 10.661 0 2   G   A "O4'" 1 ? 
ATOM   27  C  "C3'" . G   A 1 2  ? -11.879 10.491  5.344   1.000 11.938 0 2   G   A "C3'" 1 ? 
ATOM   28  O  "O3'" . G   A 1 2  ? -10.658 10.965  4.815   1.000 12.659 0 2   G   A "O3'" 1 ? 
ATOM   29  C  "C2'" . G   A 1 2  ? -12.079 10.958  6.771   1.000 10.776 0 2   G   A "C2'" 1 ? 
ATOM   30  O  "O2'" . G   A 1 2  ? -11.790 12.318  6.964   1.000 11.652 0 2   G   A "O2'" 1 ? 
ATOM   31  C  "C1'" . G   A 1 2  ? -13.570 10.724  6.907   1.000 9.395  0 2   G   A "C1'" 1 ? 
ATOM   32  N  N9    . G   A 1 2  ? -13.881 9.360   7.279   1.000 9.389  0 2   G   A N9    1 ? 
ATOM   33  C  C8    . G   A 1 2  ? -14.323 8.333   6.477   1.000 8.797  0 2   G   A C8    1 ? 
ATOM   34  N  N7    . G   A 1 2  ? -14.572 7.216   7.098   1.000 8.640  0 2   G   A N7    1 ? 
ATOM   35  C  C5    . G   A 1 2  ? -14.329 7.533   8.428   1.000 7.743  0 2   G   A C5    1 ? 
ATOM   36  C  C6    . G   A 1 2  ? -14.428 6.721   9.579   1.000 7.653  0 2   G   A C6    1 ? 
ATOM   37  O  O6    . G   A 1 2  ? -14.824 5.561   9.664   1.000 9.092  0 2   G   A O6    1 ? 
ATOM   38  N  N1    . G   A 1 2  ? -14.003 7.402   10.734  1.000 7.832  0 2   G   A N1    1 ? 
ATOM   39  C  C2    . G   A 1 2  ? -13.581 8.707   10.755  1.000 7.840  0 2   G   A C2    1 ? 
ATOM   40  N  N2    . G   A 1 2  ? -13.182 9.176   11.954  1.000 8.313  0 2   G   A N2    1 ? 
ATOM   41  N  N3    . G   A 1 2  ? -13.497 9.485   9.673   1.000 8.157  0 2   G   A N3    1 ? 
ATOM   42  C  C4    . G   A 1 2  ? -13.897 8.833   8.554   1.000 7.942  0 2   G   A C4    1 ? 
ATOM   43  P  P     . A   A 1 3  ? -9.385  9.996   4.722   1.000 13.610 0 3   A   A P     1 ? 
ATOM   44  O  OP1   . A   A 1 3  ? -8.281  10.741  4.019   1.000 15.508 0 3   A   A OP1   1 ? 
ATOM   45  O  OP2   . A   A 1 3  ? -9.753  8.637   4.331   1.000 14.511 0 3   A   A OP2   1 ? 
ATOM   46  O  "O5'" . A   A 1 3  ? -8.988  9.837   6.262   1.000 11.514 0 3   A   A "O5'" 1 ? 
ATOM   47  C  "C5'" . A   A 1 3  ? -8.589  10.973  7.023   1.000 11.057 0 3   A   A "C5'" 1 ? 
ATOM   48  C  "C4'" . A   A 1 3  ? -8.486  10.590  8.470   1.000 10.336 0 3   A   A "C4'" 1 ? 
ATOM   49  O  "O4'" . A   A 1 3  ? -9.791  10.199  8.924   1.000 9.556  0 3   A   A "O4'" 1 ? 
ATOM   50  C  "C3'" . A   A 1 3  ? -7.663  9.366   8.806   1.000 10.464 0 3   A   A "C3'" 1 ? 
ATOM   51  O  "O3'" . A   A 1 3  ? -6.294  9.712   8.814   1.000 11.150 0 3   A   A "O3'" 1 ? 
ATOM   52  C  "C2'" . A   A 1 3  ? -8.172  9.074   10.208  1.000 9.363  0 3   A   A "C2'" 1 ? 
ATOM   53  O  "O2'" . A   A 1 3  ? -7.728  9.975   11.194  1.000 11.438 0 3   A   A "O2'" 1 ? 
ATOM   54  C  "C1'" . A   A 1 3  ? -9.674  9.209   9.935   1.000 8.468  0 3   A   A "C1'" 1 ? 
ATOM   55  N  N9    . A   A 1 3  ? -10.291 7.989   9.453   1.000 7.790  0 3   A   A N9    1 ? 
ATOM   56  C  C8    . A   A 1 3  ? -10.640 7.655   8.180   1.000 7.605  0 3   A   A C8    1 ? 
ATOM   57  N  N7    . A   A 1 3  ? -11.165 6.472   8.056   1.000 7.684  0 3   A   A N7    1 ? 
ATOM   58  C  C5    . A   A 1 3  ? -11.206 5.998   9.369   1.000 6.811  0 3   A   A C5    1 ? 
ATOM   59  C  C6    . A   A 1 3  ? -11.666 4.794   9.939   1.000 6.836  0 3   A   A C6    1 ? 
ATOM   60  N  N6    . A   A 1 3  ? -12.269 3.832   9.259   1.000 7.276  0 3   A   A N6    1 ? 
ATOM   61  N  N1    . A   A 1 3  ? -11.557 4.653   11.283  1.000 7.584  0 3   A   A N1    1 ? 
ATOM   62  C  C2    . A   A 1 3  ? -10.986 5.627   11.990  1.000 7.438  0 3   A   A C2    1 ? 
ATOM   63  N  N3    . A   A 1 3  ? -10.555 6.825   11.576  1.000 7.717  0 3   A   A N3    1 ? 
ATOM   64  C  C4    . A   A 1 3  ? -10.686 6.931   10.240  1.000 7.169  0 3   A   A C4    1 ? 
ATOM   65  P  P     . G   A 1 4  ? -5.196  8.613   8.485   1.000 13.168 0 4   G   A P     1 ? 
ATOM   66  O  OP1   . G   A 1 4  ? -3.930  9.398   8.298   1.000 17.428 0 4   G   A OP1   1 ? 
ATOM   67  O  OP2   . G   A 1 4  ? -5.661  7.762   7.363   1.000 15.020 0 4   G   A OP2   1 ? 
ATOM   68  O  "O5'" . G   A 1 4  ? -5.177  7.755   9.827   1.000 11.805 0 4   G   A "O5'" 1 ? 
ATOM   69  C  "C5'" . G   A 1 4  ? -4.642  8.250   11.044  1.000 11.144 0 4   G   A "C5'" 1 ? 
ATOM   70  C  "C4'" . G   A 1 4  ? -4.858  7.264   12.163  1.000 11.690 0 4   G   A "C4'" 1 ? 
ATOM   71  O  "O4'" . G   A 1 4  ? -6.268  7.023   12.356  1.000 11.307 0 4   G   A "O4'" 1 ? 
ATOM   72  C  "C3'" . G   A 1 4  ? -4.323  5.857   11.907  1.000 13.362 0 4   G   A "C3'" 1 ? 
ATOM   73  O  "O3'" . G   A 1 4  ? -2.911  5.811   11.997  1.000 15.900 0 4   G   A "O3'" 1 ? 
ATOM   74  C  "C2'" . G   A 1 4  ? -5.083  5.079   12.982  1.000 12.603 0 4   G   A "C2'" 1 ? 
ATOM   75  O  "O2'" . G   A 1 4  ? -4.598  5.300   14.267  1.000 15.816 0 4   G   A "O2'" 1 ? 
ATOM   76  C  "C1'" . G   A 1 4  ? -6.462  5.690   12.812  1.000 12.317 0 4   G   A "C1'" 1 ? 
ATOM   77  N  N9    . G   A 1 4  ? -7.219  4.997   11.793  1.000 10.670 0 4   G   A N9    1 ? 
ATOM   78  C  C8    . G   A 1 4  ? -7.377  5.368   10.493  1.000 9.677  0 4   G   A C8    1 ? 
ATOM   79  N  N7    . G   A 1 4  ? -8.117  4.556   9.787   1.000 10.528 0 4   G   A N7    1 ? 
ATOM   80  C  C5    . G   A 1 4  ? -8.424  3.534   10.693  1.000 9.116  0 4   G   A C5    1 ? 
ATOM   81  C  C6    . G   A 1 4  ? -9.231  2.364   10.554  1.000 8.767  0 4   G   A C6    1 ? 
ATOM   82  O  O6    . G   A 1 4  ? -9.785  1.960   9.522   1.000 10.239 0 4   G   A O6    1 ? 
ATOM   83  N  N1    . G   A 1 4  ? -9.241  1.624   11.749  1.000 8.799  0 4   G   A N1    1 ? 
ATOM   84  C  C2    . G   A 1 4  ? -8.633  1.957   12.933  1.000 10.676 0 4   G   A C2    1 ? 
ATOM   85  N  N2    . G   A 1 4  ? -8.756  1.135   13.986  1.000 10.514 0 4   G   A N2    1 ? 
ATOM   86  N  N3    . G   A 1 4  ? -7.945  3.087   13.081  1.000 10.920 0 4   G   A N3    1 ? 
ATOM   87  C  C4    . G   A 1 4  ? -7.901  3.803   11.939  1.000 10.178 0 4   G   A C4    1 ? 
ATOM   88  P  P     . A   A 1 5  ? -2.108  4.838   11.011  1.000 15.741 0 5   A   A P     1 ? 
ATOM   89  O  OP1   . A   A 1 5  ? -0.664  5.068   11.288  1.000 19.271 0 5   A   A OP1   1 ? 
ATOM   90  O  OP2   . A   A 1 5  ? -2.555  4.886   9.605   1.000 16.939 0 5   A   A OP2   1 ? 
ATOM   91  O  "O5'" . A   A 1 5  ? -2.525  3.410   11.598  1.000 14.793 0 5   A   A "O5'" 1 ? 
ATOM   92  C  "C5'" . A   A 1 5  ? -2.204  3.034   12.963  1.000 14.461 0 5   A   A "C5'" 1 ? 
ATOM   93  C  "C4'" . A   A 1 5  ? -2.785  1.667   13.236  1.000 13.753 0 5   A   A "C4'" 1 ? 
ATOM   94  O  "O4'" . A   A 1 5  ? -4.231  1.709   13.220  1.000 13.345 0 5   A   A "O4'" 1 ? 
ATOM   95  C  "C3'" . A   A 1 5  ? -2.480  0.585   12.202  1.000 14.254 0 5   A   A "C3'" 1 ? 
ATOM   96  O  "O3'" . A   A 1 5  ? -1.147  0.140   12.366  1.000 14.914 0 5   A   A "O3'" 1 ? 
ATOM   97  C  "C2'" . A   A 1 5  ? -3.543  -0.441  12.550  1.000 13.035 0 5   A   A "C2'" 1 ? 
ATOM   98  O  "O2'" . A   A 1 5  ? -3.192  -1.191  13.691  1.000 16.335 0 5   A   A "O2'" 1 ? 
ATOM   99  C  "C1'" . A   A 1 5  ? -4.753  0.481   12.751  1.000 12.100 0 5   A   A "C1'" 1 ? 
ATOM   100 N  N9    . A   A 1 5  ? -5.494  0.675   11.510  1.000 12.039 0 5   A   A N9    1 ? 
ATOM   101 C  C8    . A   A 1 5  ? -5.379  1.684   10.582  1.000 12.275 0 5   A   A C8    1 ? 
ATOM   102 N  N7    . A   A 1 5  ? -6.123  1.518   9.515   1.000 11.708 0 5   A   A N7    1 ? 
ATOM   103 C  C5    . A   A 1 5  ? -6.716  0.285   9.733   1.000 10.732 0 5   A   A C5    1 ? 
ATOM   104 C  C6    . A   A 1 5  ? -7.617  -0.469  8.969   1.000 11.348 0 5   A   A C6    1 ? 
ATOM   105 N  N6    . A   A 1 5  ? -8.089  -0.083  7.804   1.000 11.876 0 5   A   A N6    1 ? 
ATOM   106 N  N1    . A   A 1 5  ? -8.007  -1.668  9.444   1.000 10.964 0 5   A   A N1    1 ? 
ATOM   107 C  C2    . A   A 1 5  ? -7.560  -2.058  10.637  1.000 13.412 0 5   A   A C2    1 ? 
ATOM   108 N  N3    . A   A 1 5  ? -6.708  -1.435  11.439  1.000 13.331 0 5   A   A N3    1 ? 
ATOM   109 C  C4    . A   A 1 5  ? -6.313  -0.258  10.932  1.000 11.596 0 5   A   A C4    1 ? 
ATOM   110 P  P     . A   A 1 6  ? -0.350  -0.331  11.074  1.000 15.746 0 6   A   A P     1 ? 
ATOM   111 O  OP1   . A   A 1 6  ? 1.041   -0.473  11.619  1.000 18.475 0 6   A   A OP1   1 ? 
ATOM   112 O  OP2   . A   A 1 6  ? -0.543  0.473   9.842   1.000 17.491 0 6   A   A OP2   1 ? 
ATOM   113 O  "O5'" . A   A 1 6  ? -0.930  -1.754  10.609  1.000 13.676 0 6   A   A "O5'" 1 ? 
ATOM   114 C  "C5'" . A   A 1 6  ? -0.935  -2.832  11.585  1.000 13.501 0 6   A   A "C5'" 1 ? 
ATOM   115 C  "C4'" . A   A 1 6  ? -1.843  -3.945  11.133  1.000 13.570 0 6   A   A "C4'" 1 ? 
ATOM   116 O  "O4'" . A   A 1 6  ? -3.182  -3.432  11.006  1.000 13.040 0 6   A   A "O4'" 1 ? 
ATOM   117 C  "C3'" . A   A 1 6  ? -1.598  -4.523  9.757   1.000 14.036 0 6   A   A "C3'" 1 ? 
ATOM   118 O  "O3'" . A   A 1 6  ? -0.566  -5.468  9.932   1.000 13.179 0 6   A   A "O3'" 1 ? 
ATOM   119 C  "C2'" . A   A 1 6  ? -2.934  -5.198  9.462   1.000 13.521 0 6   A   A "C2'" 1 ? 
ATOM   120 O  "O2'" . A   A 1 6  ? -3.061  -6.373  10.188  1.000 15.389 0 6   A   A "O2'" 1 ? 
ATOM   121 C  "C1'" . A   A 1 6  ? -3.872  -4.116  9.991   1.000 12.985 0 6   A   A "C1'" 1 ? 
ATOM   122 N  N9    . A   A 1 6  ? -4.286  -3.165  8.969   1.000 12.703 0 6   A   A N9    1 ? 
ATOM   123 C  C8    . A   A 1 6  ? -3.829  -1.905  8.704   1.000 13.490 0 6   A   A C8    1 ? 
ATOM   124 N  N7    . A   A 1 6  ? -4.451  -1.325  7.702   1.000 13.986 0 6   A   A N7    1 ? 
ATOM   125 C  C5    . A   A 1 6  ? -5.333  -2.296  7.249   1.000 13.733 0 6   A   A C5    1 ? 
ATOM   126 C  C6    . A   A 1 6  ? -6.314  -2.300  6.225   1.000 13.263 0 6   A   A C6    1 ? 
ATOM   127 N  N6    . A   A 1 6  ? -6.473  -1.305  5.362   1.000 14.792 0 6   A   A N6    1 ? 
ATOM   128 N  N1    . A   A 1 6  ? -7.010  -3.438  6.034   1.000 14.442 0 6   A   A N1    1 ? 
ATOM   129 C  C2    . A   A 1 6  ? -6.844  -4.445  6.885   1.000 14.731 0 6   A   A C2    1 ? 
ATOM   130 N  N3    . A   A 1 6  ? -5.982  -4.543  7.906   1.000 14.973 0 6   A   A N3    1 ? 
ATOM   131 C  C4    . A   A 1 6  ? -5.268  -3.418  8.043   1.000 14.238 0 6   A   A C4    1 ? 
ATOM   132 P  P     . G   A 1 7  ? 0.255   -5.984  8.696   1.000 16.170 0 7   G   A P     1 ? 
ATOM   133 O  OP1   . G   A 1 7  ? 1.149   -7.049  9.266   1.000 17.307 0 7   G   A OP1   1 ? 
ATOM   134 O  OP2   . G   A 1 7  ? 0.699   -4.904  7.819   1.000 14.480 0 7   G   A OP2   1 ? 
ATOM   135 O  "O5'" . G   A 1 7  ? -0.921  -6.677  7.883   1.000 15.567 0 7   G   A "O5'" 1 ? 
ATOM   136 C  "C5'" . G   A 1 7  ? -0.803  -6.805  6.503   1.000 12.301 0 7   G   A "C5'" 1 ? 
ATOM   137 C  "C4'" . G   A 1 7  ? -1.932  -7.705  6.078   1.000 11.837 0 7   G   A "C4'" 1 ? 
ATOM   138 O  "O4'" . G   A 1 7  ? -3.191  -7.081  6.420   1.000 11.664 0 7   G   A "O4'" 1 ? 
ATOM   139 C  "C3'" . G   A 1 7  ? -1.992  -7.911  4.573   1.000 11.689 0 7   G   A "C3'" 1 ? 
ATOM   140 O  "O3'" . G   A 1 7  ? -1.162  -9.006  4.265   1.000 11.097 0 7   G   A "O3'" 1 ? 
ATOM   141 C  "C2'" . G   A 1 7  ? -3.460  -8.220  4.374   1.000 10.893 0 7   G   A "C2'" 1 ? 
ATOM   142 O  "O2'" . G   A 1 7  ? -3.762  -9.530  4.808   1.000 11.023 0 7   G   A "O2'" 1 ? 
ATOM   143 C  "C1'" . G   A 1 7  ? -4.064  -7.191  5.320   1.000 10.941 0 7   G   A "C1'" 1 ? 
ATOM   144 N  N9    . G   A 1 7  ? -4.218  -5.864  4.747   1.000 10.559 0 7   G   A N9    1 ? 
ATOM   145 C  C8    . G   A 1 7  ? -3.585  -4.687  5.087   1.000 9.631  0 7   G   A C8    1 ? 
ATOM   146 N  N7    . G   A 1 7  ? -3.968  -3.642  4.388   1.000 10.065 0 7   G   A N7    1 ? 
ATOM   147 C  C5    . G   A 1 7  ? -4.976  -4.166  3.582   1.000 9.175  0 7   G   A C5    1 ? 
ATOM   148 C  C6    . G   A 1 7  ? -5.826  -3.519  2.639   1.000 9.079  0 7   G   A C6    1 ? 
ATOM   149 O  O6    . G   A 1 7  ? -5.838  -2.324  2.306   1.000 11.193 0 7   G   A O6    1 ? 
ATOM   150 N  N1    . G   A 1 7  ? -6.695  -4.424  2.040   1.000 9.439  0 7   G   A N1    1 ? 
ATOM   151 C  C2    . G   A 1 7  ? -6.760  -5.759  2.309   1.000 9.105  0 7   G   A C2    1 ? 
ATOM   152 N  N2    . G   A 1 7  ? -7.659  -6.485  1.624   1.000 10.157 0 7   G   A N2    1 ? 
ATOM   153 N  N3    . G   A 1 7  ? -6.000  -6.364  3.215   1.000 9.047  0 7   G   A N3    1 ? 
ATOM   154 C  C4    . G   A 1 7  ? -5.141  -5.518  3.805   1.000 9.706  0 7   G   A C4    1 ? 
ATOM   155 P  P     . A   A 1 8  ? -0.463  -9.082  2.834   1.000 12.496 0 8   A   A P     1 ? 
ATOM   156 O  OP1   . A   A 1 8  ? 0.476   -10.240 2.901   1.000 14.726 0 8   A   A OP1   1 ? 
ATOM   157 O  OP2   . A   A 1 8  ? 0.049   -7.760  2.440   1.000 13.050 0 8   A   A OP2   1 ? 
ATOM   158 O  "O5'" . A   A 1 8  ? -1.696  -9.360  1.861   1.000 12.630 0 8   A   A "O5'" 1 ? 
ATOM   159 C  "C5'" . A   A 1 8  ? -2.330  -10.653 1.864   1.000 13.681 0 8   A   A "C5'" 1 ? 
ATOM   160 C  "C4'" . A   A 1 8  ? -3.426  -10.639 0.830   1.000 13.457 0 8   A   A "C4'" 1 ? 
ATOM   161 O  "O4'" . A   A 1 8  ? -4.429  -9.646  1.166   1.000 12.810 0 8   A   A "O4'" 1 ? 
ATOM   162 C  "C3'" . A   A 1 8  ? -2.994  -10.225 -0.580  1.000 14.349 0 8   A   A "C3'" 1 ? 
ATOM   163 O  "O3'" . A   A 1 8  ? -2.453  -11.353 -1.243  1.000 13.489 0 8   A   A "O3'" 1 ? 
ATOM   164 C  "C2'" . A   A 1 8  ? -4.347  -9.851  -1.163  1.000 14.457 0 8   A   A "C2'" 1 ? 
ATOM   165 O  "O2'" . A   A 1 8  ? -5.177  -10.965 -1.432  1.000 16.256 0 8   A   A "O2'" 1 ? 
ATOM   166 C  "C1'" . A   A 1 8  ? -4.896  -9.020  -0.010  1.000 13.959 0 8   A   A "C1'" 1 ? 
ATOM   167 N  N9    . A   A 1 8  ? -4.484  -7.611  0.036   1.000 11.696 0 8   A   A N9    1 ? 
ATOM   168 C  C8    . A   A 1 8  ? -3.511  -7.006  0.794   1.000 12.173 0 8   A   A C8    1 ? 
ATOM   169 N  N7    . A   A 1 8  ? -3.468  -5.700  0.681   1.000 11.672 0 8   A   A N7    1 ? 
ATOM   170 C  C5    . A   A 1 8  ? -4.461  -5.426  -0.236  1.000 10.446 0 8   A   A C5    1 ? 
ATOM   171 C  C6    . A   A 1 8  ? -4.922  -4.230  -0.803  1.000 8.903  0 8   A   A C6    1 ? 
ATOM   172 N  N6    . A   A 1 8  ? -4.435  -3.050  -0.488  1.000 10.206 0 8   A   A N6    1 ? 
ATOM   173 N  N1    . A   A 1 8  ? -5.955  -4.325  -1.676  1.000 10.246 0 8   A   A N1    1 ? 
ATOM   174 C  C2    . A   A 1 8  ? -6.467  -5.519  -1.947  1.000 11.590 0 8   A   A C2    1 ? 
ATOM   175 N  N3    . A   A 1 8  ? -6.126  -6.706  -1.474  1.000 12.028 0 8   A   A N3    1 ? 
ATOM   176 C  C4    . A   A 1 8  ? -5.098  -6.588  -0.632  1.000 11.241 0 8   A   A C4    1 ? 
ATOM   177 P  P     . U   A 1 9  ? -1.231  -11.159 -2.263  1.000 16.807 0 9   U   A P     1 ? 
ATOM   178 O  OP1   . U   A 1 9  ? -0.693  -12.504 -2.643  1.000 18.036 0 9   U   A OP1   1 ? 
ATOM   179 O  OP2   . U   A 1 9  ? -0.275  -10.143 -1.776  1.000 15.509 0 9   U   A OP2   1 ? 
ATOM   180 O  "O5'" . U   A 1 9  ? -1.933  -10.535 -3.536  1.000 16.085 0 9   U   A "O5'" 1 ? 
ATOM   181 C  "C5'" . U   A 1 9  ? -2.960  -11.291 -4.216  1.000 18.228 0 9   U   A "C5'" 1 ? 
ATOM   182 C  "C4'" . U   A 1 9  ? -3.684  -10.372 -5.162  1.000 17.689 0 9   U   A "C4'" 1 ? 
ATOM   183 O  "O4'" . U   A 1 9  ? -4.442  -9.378  -4.423  1.000 15.772 0 9   U   A "O4'" 1 ? 
ATOM   184 C  "C3'" . U   A 1 9  ? -2.795  -9.513  -6.068  1.000 18.133 0 9   U   A "C3'" 1 ? 
ATOM   185 O  "O3'" . U   A 1 9  ? -2.257  -10.280 -7.134  1.000 19.385 0 9   U   A "O3'" 1 ? 
ATOM   186 C  "C2'" . U   A 1 9  ? -3.812  -8.473  -6.507  1.000 16.905 0 9   U   A "C2'" 1 ? 
ATOM   187 O  "O2'" . U   A 1 9  ? -4.831  -8.982  -7.340  1.000 19.240 0 9   U   A "O2'" 1 ? 
ATOM   188 C  "C1'" . U   A 1 9  ? -4.476  -8.171  -5.168  1.000 15.739 0 9   U   A "C1'" 1 ? 
ATOM   189 N  N1    . U   A 1 9  ? -3.782  -7.116  -4.400  1.000 13.310 0 9   U   A N1    1 ? 
ATOM   190 C  C2    . U   A 1 9  ? -4.092  -5.815  -4.738  1.000 13.798 0 9   U   A C2    1 ? 
ATOM   191 O  O2    . U   A 1 9  ? -4.890  -5.542  -5.631  1.000 16.685 0 9   U   A O2    1 ? 
ATOM   192 N  N3    . U   A 1 9  ? -3.477  -4.875  -3.971  1.000 12.621 0 9   U   A N3    1 ? 
ATOM   193 C  C4    . U   A 1 9  ? -2.549  -5.079  -2.973  1.000 11.784 0 9   U   A C4    1 ? 
ATOM   194 O  O4    . U   A 1 9  ? -2.077  -4.119  -2.365  1.000 11.399 0 9   U   A O4    1 ? 
ATOM   195 C  C5    . U   A 1 9  ? -2.248  -6.454  -2.697  1.000 12.421 0 9   U   A C5    1 ? 
ATOM   196 C  C6    . U   A 1 9  ? -2.837  -7.394  -3.442  1.000 12.370 0 9   U   A C6    1 ? 
ATOM   197 P  P     . C   A 1 10 ? -0.831  -9.909  -7.757  1.000 21.147 0 10  C   A P     1 ? 
ATOM   198 O  OP1   . C   A 1 10 ? -0.518  -10.982 -8.760  1.000 26.701 0 10  C   A OP1   1 ? 
ATOM   199 O  OP2   . C   A 1 10 ? 0.176   -9.601  -6.713  1.000 24.627 0 10  C   A OP2   1 ? 
ATOM   200 O  "O5'" . C   A 1 10 ? -1.096  -8.539  -8.536  1.000 20.078 0 10  C   A "O5'" 1 ? 
ATOM   201 C  "C5'" . C   A 1 10 ? -2.024  -8.512  -9.643  1.000 18.502 0 10  C   A "C5'" 1 ? 
ATOM   202 C  "C4'" . C   A 1 10 ? -2.329  -7.072  -10.013 1.000 17.595 0 10  C   A "C4'" 1 ? 
ATOM   203 O  "O4'" . C   A 1 10 ? -2.964  -6.413  -8.882  1.000 17.487 0 10  C   A "O4'" 1 ? 
ATOM   204 C  "C3'" . C   A 1 10 ? -1.149  -6.152  -10.345 1.000 18.552 0 10  C   A "C3'" 1 ? 
ATOM   205 O  "O3'" . C   A 1 10 ? -0.634  -6.334  -11.662 1.000 20.350 0 10  C   A "O3'" 1 ? 
ATOM   206 C  "C2'" . C   A 1 10 ? -1.849  -4.805  -10.198 1.000 16.526 0 10  C   A "C2'" 1 ? 
ATOM   207 O  "O2'" . C   A 1 10 ? -2.755  -4.510  -11.232 1.000 19.278 0 10  C   A "O2'" 1 ? 
ATOM   208 C  "C1'" . C   A 1 10 ? -2.672  -5.039  -8.929  1.000 15.487 0 10  C   A "C1'" 1 ? 
ATOM   209 N  N1    . C   A 1 10 ? -1.916  -4.696  -7.713  1.000 13.248 0 10  C   A N1    1 ? 
ATOM   210 C  C2    . C   A 1 10 ? -1.857  -3.335  -7.381  1.000 12.103 0 10  C   A C2    1 ? 
ATOM   211 O  O2    . C   A 1 10 ? -2.450  -2.514  -8.120  1.000 13.407 0 10  C   A O2    1 ? 
ATOM   212 N  N3    . C   A 1 10 ? -1.140  -2.980  -6.275  1.000 12.394 0 10  C   A N3    1 ? 
ATOM   213 C  C4    . C   A 1 10 ? -0.499  -3.908  -5.553  1.000 11.893 0 10  C   A C4    1 ? 
ATOM   214 N  N4    . C   A 1 10 ? 0.171   -3.523  -4.476  1.000 12.332 0 10  C   A N4    1 ? 
ATOM   215 C  C5    . C   A 1 10 ? -0.523  -5.292  -5.929  1.000 12.498 0 10  C   A C5    1 ? 
ATOM   216 C  C6    . C   A 1 10 ? -1.237  -5.625  -6.999  1.000 13.393 0 10  C   A C6    1 ? 
ATOM   217 P  P     . U   A 1 11 ? 0.885   -5.964  -12.004 1.000 22.342 0 11  U   A P     1 ? 
ATOM   218 O  OP1   . U   A 1 11 ? 1.277   -6.491  -13.346 1.000 24.230 0 11  U   A OP1   1 ? 
ATOM   219 O  OP2   . U   A 1 11 ? 1.788   -6.234  -10.858 1.000 26.499 0 11  U   A OP2   1 ? 
ATOM   220 O  "O5'" . U   A 1 11 ? 0.935   -4.362  -11.988 1.000 19.610 0 11  U   A "O5'" 1 ? 
ATOM   221 C  "C5'" . U   A 1 11 ? 0.138   -3.616  -12.902 1.000 19.504 0 11  U   A "C5'" 1 ? 
ATOM   222 C  "C4'" . U   A 1 11 ? 0.211   -2.161  -12.509 1.000 18.957 0 11  U   A "C4'" 1 ? 
ATOM   223 O  "O4'" . U   A 1 11 ? -0.286  -1.977  -11.154 1.000 19.856 0 11  U   A "O4'" 1 ? 
ATOM   224 C  "C3'" . U   A 1 11 ? 1.615   -1.564  -12.395 1.000 17.942 0 11  U   A "C3'" 1 ? 
ATOM   225 O  "O3'" . U   A 1 11 ? 2.198   -1.282  -13.658 1.000 17.701 0 11  U   A "O3'" 1 ? 
ATOM   226 C  "C2'" . U   A 1 11 ? 1.264   -0.273  -11.653 1.000 17.639 0 11  U   A "C2'" 1 ? 
ATOM   227 O  "O2'" . U   A 1 11 ? 0.559   0.666   -12.442 1.000 20.226 0 11  U   A "O2'" 1 ? 
ATOM   228 C  "C1'" . U   A 1 11 ? 0.316   -0.830  -10.594 1.000 17.488 0 11  U   A "C1'" 1 ? 
ATOM   229 N  N1    . U   A 1 11 ? 0.977   -1.190  -9.334  1.000 15.153 0 11  U   A N1    1 ? 
ATOM   230 C  C2    . U   A 1 11 ? 1.242   -0.139  -8.466  1.000 14.199 0 11  U   A C2    1 ? 
ATOM   231 O  O2    . U   A 1 11 ? 1.019   1.010   -8.779  1.000 18.294 0 11  U   A O2    1 ? 
ATOM   232 N  N3    . U   A 1 11 ? 1.819   -0.504  -7.288  1.000 15.116 0 11  U   A N3    1 ? 
ATOM   233 C  C4    . U   A 1 11 ? 2.125   -1.764  -6.828  1.000 13.777 0 11  U   A C4    1 ? 
ATOM   234 O  O4    . U   A 1 11 ? 2.680   -1.934  -5.737  1.000 16.334 0 11  U   A O4    1 ? 
ATOM   235 C  C5    . U   A 1 11 ? 1.875   -2.796  -7.796  1.000 15.366 0 11  U   A C5    1 ? 
ATOM   236 C  C6    . U   A 1 11 ? 1.268   -2.480  -8.955  1.000 14.052 0 11  U   A C6    1 ? 
ATOM   237 P  P     . U   A 1 12 ? 3.791   -1.282  -13.886 1.000 17.305 0 12  U   A P     1 ? 
ATOM   238 O  OP1   . U   A 1 12 ? 3.794   -1.377  -15.368 1.000 18.599 0 12  U   A OP1   1 ? 
ATOM   239 O  OP2   . U   A 1 12 ? 4.518   -2.243  -13.031 1.000 17.698 0 12  U   A OP2   1 ? 
ATOM   240 O  "O5'" . U   A 1 12 ? 4.249   0.140   -13.343 1.000 14.516 0 12  U   A "O5'" 1 ? 
ATOM   241 C  "C5'" . U   A 1 12 ? 3.885   1.316   -14.065 1.000 15.094 0 12  U   A "C5'" 1 ? 
ATOM   242 C  "C4'" . U   A 1 12 ? 4.418   2.472   -13.277 1.000 14.025 0 12  U   A "C4'" 1 ? 
ATOM   243 O  "O4'" . U   A 1 12 ? 3.792   2.512   -11.966 1.000 14.254 0 12  U   A "O4'" 1 ? 
ATOM   244 C  "C3'" . U   A 1 12 ? 5.910   2.402   -12.925 1.000 14.043 0 12  U   A "C3'" 1 ? 
ATOM   245 O  "O3'" . U   A 1 12 ? 6.706   2.694   -14.067 1.000 14.051 0 12  U   A "O3'" 1 ? 
ATOM   246 C  "C2'" . U   A 1 12 ? 5.976   3.447   -11.811 1.000 14.803 0 12  U   A "C2'" 1 ? 
ATOM   247 O  "O2'" . U   A 1 12 ? 5.822   4.759   -12.337 1.000 14.285 0 12  U   A "O2'" 1 ? 
ATOM   248 C  "C1'" . U   A 1 12 ? 4.725   3.035   -11.040 1.000 14.039 0 12  U   A "C1'" 1 ? 
ATOM   249 N  N1    . U   A 1 12 ? 4.934   2.005   -10.007 1.000 13.955 0 12  U   A N1    1 ? 
ATOM   250 C  C2    . U   A 1 12 ? 5.414   2.457   -8.793  1.000 14.285 0 12  U   A C2    1 ? 
ATOM   251 O  O2    . U   A 1 12 ? 5.765   3.614   -8.596  1.000 15.277 0 12  U   A O2    1 ? 
ATOM   252 N  N3    . U   A 1 12 ? 5.516   1.490   -7.825  1.000 12.923 0 12  U   A N3    1 ? 
ATOM   253 C  C4    . U   A 1 12 ? 5.154   0.171   -7.957  1.000 13.386 0 12  U   A C4    1 ? 
ATOM   254 O  O4    . U   A 1 12 ? 5.302   -0.568  -6.991  1.000 13.007 0 12  U   A O4    1 ? 
ATOM   255 C  C5    . U   A 1 12 ? 4.659   -0.212  -9.251  1.000 13.169 0 12  U   A C5    1 ? 
ATOM   256 C  C6    . U   A 1 12 ? 4.588   0.699   -10.227 1.000 13.864 0 12  U   A C6    1 ? 
ATOM   257 P  P     . C   A 1 13 ? 8.147   2.041   -14.293 1.000 13.786 0 13  C   A P     1 ? 
ATOM   258 O  OP1   . C   A 1 13 ? 8.559   2.445   -15.691 1.000 14.598 0 13  C   A OP1   1 ? 
ATOM   259 O  OP2   . C   A 1 13 ? 8.204   0.609   -13.909 1.000 15.093 0 13  C   A OP2   1 ? 
ATOM   260 O  "O5'" . C   A 1 13 ? 9.099   2.685   -13.192 1.000 13.420 0 13  C   A "O5'" 1 ? 
ATOM   261 C  "C5'" . C   A 1 13 ? 9.408   4.071   -13.325 1.000 12.046 0 13  C   A "C5'" 1 ? 
ATOM   262 C  "C4'" . C   A 1 13 ? 10.086  4.540   -12.063 1.000 12.359 0 13  C   A "C4'" 1 ? 
ATOM   263 O  "O4'" . C   A 1 13 ? 9.189   4.396   -10.936 1.000 12.546 0 13  C   A "O4'" 1 ? 
ATOM   264 C  "C3'" . C   A 1 13 ? 11.325  3.750   -11.634 1.000 11.542 0 13  C   A "C3'" 1 ? 
ATOM   265 O  "O3'" . C   A 1 13 ? 12.449  4.118   -12.409 1.000 11.258 0 13  C   A "O3'" 1 ? 
ATOM   266 C  "C2'" . C   A 1 13 ? 11.441  4.224   -10.183 1.000 10.964 0 13  C   A "C2'" 1 ? 
ATOM   267 O  "O2'" . C   A 1 13 ? 11.884  5.553   -10.059 1.000 11.781 0 13  C   A "O2'" 1 ? 
ATOM   268 C  "C1'" . C   A 1 13 ? 9.967   4.156   -9.775  1.000 12.012 0 13  C   A "C1'" 1 ? 
ATOM   269 N  N1    . C   A 1 13 ? 9.602   2.838   -9.199  1.000 11.011 0 13  C   A N1    1 ? 
ATOM   270 C  C2    . C   A 1 13 ? 9.878   2.647   -7.834  1.000 11.357 0 13  C   A C2    1 ? 
ATOM   271 O  O2    . C   A 1 13 ? 10.550  3.511   -7.250  1.000 13.037 0 13  C   A O2    1 ? 
ATOM   272 N  N3    . C   A 1 13 ? 9.549   1.475   -7.272  1.000 11.530 0 13  C   A N3    1 ? 
ATOM   273 C  C4    . C   A 1 13 ? 8.894   0.547   -7.960  1.000 11.294 0 13  C   A C4    1 ? 
ATOM   274 N  N4    . C   A 1 13 ? 8.529   -0.549  -7.333  1.000 11.257 0 13  C   A N4    1 ? 
ATOM   275 C  C5    . C   A 1 13 ? 8.567   0.741   -9.334  1.000 11.783 0 13  C   A C5    1 ? 
ATOM   276 C  C6    . C   A 1 13 ? 8.911   1.910   -9.893  1.000 10.930 0 13  C   A C6    1 ? 
ATOM   277 P  P     . U   A 1 14 ? 13.658  3.125   -12.681 1.000 11.849 0 14  U   A P     1 ? 
ATOM   278 O  OP1   . U   A 1 14 ? 14.581  3.752   -13.683 1.000 12.696 0 14  U   A OP1   1 ? 
ATOM   279 O  OP2   . U   A 1 14 ? 13.116  1.802   -12.915 1.000 12.120 0 14  U   A OP2   1 ? 
ATOM   280 O  "O5'" . U   A 1 14 ? 14.445  2.881   -11.310 1.000 10.346 0 14  U   A "O5'" 1 ? 
ATOM   281 C  "C5'" . U   A 1 14 ? 15.180  4.010   -10.793 1.000 10.783 0 14  U   A "C5'" 1 ? 
ATOM   282 C  "C4'" . U   A 1 14 ? 15.557  3.763   -9.361  1.000 9.882  0 14  U   A "C4'" 1 ? 
ATOM   283 O  "O4'" . U   A 1 14 ? 14.408  3.623   -8.522  1.000 9.064  0 14  U   A "O4'" 1 ? 
ATOM   284 C  "C3'" . U   A 1 14 ? 16.429  2.552   -9.035  1.000 9.188  0 14  U   A "C3'" 1 ? 
ATOM   285 O  "O3'" . U   A 1 14 ? 17.782  2.821   -9.314  1.000 8.726  0 14  U   A "O3'" 1 ? 
ATOM   286 C  "C2'" . U   A 1 14 ? 16.208  2.494   -7.523  1.000 8.808  0 14  U   A "C2'" 1 ? 
ATOM   287 O  "O2'" . U   A 1 14 ? 16.859  3.603   -6.919  1.000 8.307  0 14  U   A "O2'" 1 ? 
ATOM   288 C  "C1'" . U   A 1 14 ? 14.708  2.703   -7.483  1.000 8.885  0 14  U   A "C1'" 1 ? 
ATOM   289 N  N1    . U   A 1 14 ? 13.908  1.474   -7.647  1.000 7.477  0 14  U   A N1    1 ? 
ATOM   290 C  C2    . U   A 1 14 ? 13.750  0.714   -6.500  1.000 8.343  0 14  U   A C2    1 ? 
ATOM   291 O  O2    . U   A 1 14 ? 14.349  0.938   -5.448  1.000 9.641  0 14  U   A O2    1 ? 
ATOM   292 N  N3    . U   A 1 14 ? 12.905  -0.355  -6.665  1.000 8.722  0 14  U   A N3    1 ? 
ATOM   293 C  C4    . U   A 1 14 ? 12.193  -0.710  -7.787  1.000 9.238  0 14  U   A C4    1 ? 
ATOM   294 O  O4    . U   A 1 14 ? 11.481  -1.705  -7.761  1.000 10.140 0 14  U   A O4    1 ? 
ATOM   295 C  C5    . U   A 1 14 ? 12.414  0.128   -8.921  1.000 9.117  0 14  U   A C5    1 ? 
ATOM   296 C  C6    . U   A 1 14 ? 13.231  1.181   -8.810  1.000 8.774  0 14  U   A C6    1 ? 
ATOM   297 P  P     . C   A 1 15 ? 18.855  1.692   -9.637  1.000 10.243 0 15  C   A P     1 ? 
ATOM   298 O  OP1   . C   A 1 15 ? 20.066  2.361   -10.165 1.000 12.948 0 15  C   A OP1   1 ? 
ATOM   299 O  OP2   . C   A 1 15 ? 18.263  0.570   -10.426 1.000 11.700 0 15  C   A OP2   1 ? 
ATOM   300 O  "O5'" . C   A 1 15 ? 19.176  1.005   -8.233  1.000 9.990  0 15  C   A "O5'" 1 ? 
ATOM   301 C  "C5'" . C   A 1 15 ? 19.832  1.759   -7.200  1.000 9.197  0 15  C   A "C5'" 1 ? 
ATOM   302 C  "C4'" . C   A 1 15 ? 19.704  1.013   -5.892  1.000 9.283  0 15  C   A "C4'" 1 ? 
ATOM   303 O  "O4'" . C   A 1 15 ? 18.326  0.856   -5.507  1.000 8.759  0 15  C   A "O4'" 1 ? 
ATOM   304 C  "C3'" . C   A 1 15 ? 20.241  -0.424  -5.879  1.000 9.614  0 15  C   A "C3'" 1 ? 
ATOM   305 O  "O3'" . C   A 1 15 ? 21.662  -0.403  -5.739  1.000 10.561 0 15  C   A "O3'" 1 ? 
ATOM   306 C  "C2'" . C   A 1 15 ? 19.573  -0.958  -4.626  1.000 9.206  0 15  C   A "C2'" 1 ? 
ATOM   307 O  "O2'" . C   A 1 15 ? 20.067  -0.409  -3.423  1.000 10.425 0 15  C   A "O2'" 1 ? 
ATOM   308 C  "C1'" . C   A 1 15 ? 18.175  -0.391  -4.838  1.000 8.109  0 15  C   A "C1'" 1 ? 
ATOM   309 N  N1    . C   A 1 15 ? 17.281  -1.239  -5.680  1.000 7.915  0 15  C   A N1    1 ? 
ATOM   310 C  C2    . C   A 1 15 ? 16.615  -2.280  -5.042  1.000 7.788  0 15  C   A C2    1 ? 
ATOM   311 O  O2    . C   A 1 15 ? 16.919  -2.549  -3.869  1.000 8.856  0 15  C   A O2    1 ? 
ATOM   312 N  N3    . C   A 1 15 ? 15.683  -2.977  -5.760  1.000 8.159  0 15  C   A N3    1 ? 
ATOM   313 C  C4    . C   A 1 15 ? 15.396  -2.650  -7.017  1.000 8.835  0 15  C   A C4    1 ? 
ATOM   314 N  N4    . C   A 1 15 ? 14.440  -3.337  -7.662  1.000 9.322  0 15  C   A N4    1 ? 
ATOM   315 C  C5    . C   A 1 15 ? 16.079  -1.608  -7.683  1.000 8.004  0 15  C   A C5    1 ? 
ATOM   316 C  C6    . C   A 1 15 ? 17.039  -0.978  -7.001  1.000 8.125  0 15  C   A C6    1 ? 
ATOM   317 P  P     . U   A 1 16 ? 22.517  -1.477  -6.514  1.000 11.882 0 16  U   A P     1 ? 
ATOM   318 O  OP1   . U   A 1 16 ? 23.923  -1.114  -6.156  1.000 14.498 0 16  U   A OP1   1 ? 
ATOM   319 O  OP2   . U   A 1 16 ? 22.090  -1.596  -7.917  1.000 12.732 0 16  U   A OP2   1 ? 
ATOM   320 O  "O5'" . U   A 1 16 ? 22.136  -2.872  -5.828  1.000 9.900  0 16  U   A "O5'" 1 ? 
ATOM   321 C  "C5'" . U   A 1 16 ? 22.548  -3.097  -4.451  1.000 9.320  0 16  U   A "C5'" 1 ? 
ATOM   322 C  "C4'" . U   A 1 16 ? 21.915  -4.380  -3.979  1.000 9.165  0 16  U   A "C4'" 1 ? 
ATOM   323 O  "O4'" . U   A 1 16 ? 20.471  -4.226  -3.919  1.000 8.843  0 16  U   A "O4'" 1 ? 
ATOM   324 C  "C3'" . U   A 1 16 ? 22.108  -5.637  -4.843  1.000 9.315  0 16  U   A "C3'" 1 ? 
ATOM   325 O  "O3'" . U   A 1 16 ? 23.382  -6.228  -4.588  1.000 10.394 0 16  U   A "O3'" 1 ? 
ATOM   326 C  "C2'" . U   A 1 16 ? 20.990  -6.500  -4.308  1.000 9.475  0 16  U   A "C2'" 1 ? 
ATOM   327 O  "O2'" . U   A 1 16 ? 21.271  -7.053  -3.028  1.000 10.866 0 16  U   A "O2'" 1 ? 
ATOM   328 C  "C1'" . U   A 1 16 ? 19.860  -5.479  -4.193  1.000 8.592  0 16  U   A "C1'" 1 ? 
ATOM   329 N  N1    . U   A 1 16 ? 19.008  -5.364  -5.413  1.000 7.610  0 16  U   A N1    1 ? 
ATOM   330 C  C2    . U   A 1 16 ? 17.992  -6.277  -5.548  1.000 7.898  0 16  U   A C2    1 ? 
ATOM   331 O  O2    . U   A 1 16 ? 17.795  -7.180  -4.757  1.000 8.199  0 16  U   A O2    1 ? 
ATOM   332 N  N3    . U   A 1 16 ? 17.233  -6.136  -6.677  1.000 8.012  0 16  U   A N3    1 ? 
ATOM   333 C  C4    . U   A 1 16 ? 17.402  -5.216  -7.690  1.000 8.167  0 16  U   A C4    1 ? 
ATOM   334 O  O4    . U   A 1 16 ? 16.668  -5.289  -8.690  1.000 9.728  0 16  U   A O4    1 ? 
ATOM   335 C  C5    . U   A 1 16 ? 18.492  -4.311  -7.502  1.000 8.332  0 16  U   A C5    1 ? 
ATOM   336 C  C6    . U   A 1 16 ? 19.247  -4.423  -6.392  1.000 7.815  0 16  U   A C6    1 ? 
HETATM 337 MG MG    . MG  B 2 .  ? -3.225  0.708   4.339   1.000 24.567 0 101 MG  A MG    1 ? 
HETATM 338 MG MG    . MG  C 2 .  ? 1.653   -9.080  9.170   0.330 15.839 0 102 MG  A MG    1 ? 
HETATM 339 MG MG    . MG  D 2 .  ? -1.256  -8.194  10.996  0.330 12.222 0 103 MG  A MG    1 ? 
HETATM 340 O  O     . HOH E 3 .  ? 25.974  -0.965  -6.644  1.000 29.771 0 201 HOH A O     1 ? 
HETATM 341 O  O     . HOH E 3 .  ? 8.270   1.120   -17.690 1.000 28.583 0 202 HOH A O     1 ? 
HETATM 342 O  O     . HOH E 3 .  ? 2.563   -10.637 1.709   1.000 35.081 0 203 HOH A O     1 ? 
HETATM 343 O  O     . HOH E 3 .  ? 0.550   -0.671  7.926   1.000 32.318 0 204 HOH A O     1 ? 
HETATM 344 O  O     . HOH E 3 .  ? -5.727  -6.746  9.150   1.000 27.003 0 205 HOH A O     1 ? 
HETATM 345 O  O     . HOH E 3 .  ? -11.054 9.311   0.237   1.000 24.482 0 206 HOH A O     1 ? 
HETATM 346 O  O     . HOH E 3 .  ? 15.676  3.280   -15.964 1.000 31.742 0 207 HOH A O     1 ? 
HETATM 347 O  O     . HOH E 3 .  ? -11.625 12.543  9.533   1.000 29.830 0 208 HOH A O     1 ? 
HETATM 348 O  O     . HOH E 3 .  ? 22.405  -9.345  -2.605  1.000 23.725 0 209 HOH A O     1 ? 
HETATM 349 O  O     . HOH E 3 .  ? 7.155   6.878   -11.631 1.000 23.842 0 210 HOH A O     1 ? 
HETATM 350 O  O     . HOH E 3 .  ? -5.854  -3.123  13.229  1.000 34.267 0 211 HOH A O     1 ? 
HETATM 351 O  O     . HOH E 3 .  ? 10.491  -3.176  -9.675  1.000 23.689 0 212 HOH A O     1 ? 
HETATM 352 O  O     . HOH E 3 .  ? 2.246   -10.427 -1.142  1.000 40.858 0 213 HOH A O     1 ? 
HETATM 353 O  O     . HOH E 3 .  ? -1.467  8.764   7.680   1.000 23.809 0 214 HOH A O     1 ? 
HETATM 354 O  O     . HOH E 3 .  ? -10.234 2.483   6.980   1.000 23.392 0 215 HOH A O     1 ? 
HETATM 355 O  O     . HOH E 3 .  ? 19.216  1.844   -2.356  1.000 20.935 0 216 HOH A O     1 ? 
HETATM 356 O  O     . HOH E 3 .  ? -4.697  0.015   2.726   1.000 21.324 0 217 HOH A O     1 ? 
HETATM 357 O  O     . HOH E 3 .  ? 13.381  7.027   -11.658 0.330 13.320 0 218 HOH A O     1 ? 
HETATM 358 O  O     . HOH E 3 .  ? -7.658  -8.267  4.007   1.000 52.895 0 219 HOH A O     1 ? 
HETATM 359 O  O     . HOH E 3 .  ? -3.285  11.689  9.461   1.000 28.373 0 220 HOH A O     1 ? 
HETATM 360 O  O     . HOH E 3 .  ? 16.177  -0.983  -10.947 1.000 27.891 0 221 HOH A O     1 ? 
HETATM 361 O  O     . HOH E 3 .  ? 0.012   0.499   -15.037 1.000 26.585 0 222 HOH A O     1 ? 
HETATM 362 O  O     . HOH E 3 .  ? -7.956  13.347  4.425   1.000 34.397 0 223 HOH A O     1 ? 
HETATM 363 O  O     . HOH E 3 .  ? 23.750  -8.442  -6.018  1.000 23.965 0 224 HOH A O     1 ? 
HETATM 364 O  O     . HOH E 3 .  ? 14.465  -0.487  -12.719 1.000 29.213 0 225 HOH A O     1 ? 
HETATM 365 O  O     . HOH E 3 .  ? 5.692   -3.211  -6.947  1.000 31.305 0 226 HOH A O     1 ? 
HETATM 366 O  O     . HOH E 3 .  ? 6.985   5.993   -8.685  1.000 40.722 0 227 HOH A O     1 ? 
HETATM 367 O  O     . HOH E 3 .  ? 1.009   3.683   -8.652  1.000 37.419 0 228 HOH A O     1 ? 
HETATM 368 O  O     . HOH E 3 .  ? -8.137  6.922   5.597   1.000 30.228 0 229 HOH A O     1 ? 
HETATM 369 O  O     . HOH E 3 .  ? -1.132  6.218   7.757   1.000 32.975 0 230 HOH A O     1 ? 
HETATM 370 O  O     . HOH E 3 .  ? -7.261  -10.704 -3.111  1.000 28.248 0 231 HOH A O     1 ? 
HETATM 371 O  O     . HOH E 3 .  ? -19.943 3.730   2.087   1.000 32.794 0 232 HOH A O     1 ? 
HETATM 372 O  O     . HOH E 3 .  ? -3.785  -2.072  -10.652 1.000 27.436 0 233 HOH A O     1 ? 
HETATM 373 O  O     . HOH E 3 .  ? -5.879  2.935   7.218   1.000 21.194 0 234 HOH A O     1 ? 
HETATM 374 O  O     . HOH E 3 .  ? 4.120   -3.478  -10.651 1.000 33.533 0 235 HOH A O     1 ? 
HETATM 375 O  O     . HOH E 3 .  ? -2.735  -1.231  4.518   1.000 21.699 0 236 HOH A O     1 ? 
HETATM 376 O  O     . HOH E 3 .  ? 16.814  -3.876  -11.015 1.000 19.438 0 237 HOH A O     1 ? 
HETATM 377 O  O     . HOH E 3 .  ? 7.130   -1.235  -12.198 1.000 22.841 0 238 HOH A O     1 ? 
HETATM 378 O  O     . HOH E 3 .  ? -4.380  5.233   7.591   1.000 24.308 0 239 HOH A O     1 ? 
HETATM 379 O  O     . HOH E 3 .  ? -11.551 6.627   3.837   1.000 30.206 0 240 HOH A O     1 ? 
HETATM 380 O  O     . HOH E 3 .  ? -0.231  -3.502  -0.429  1.000 21.212 0 241 HOH A O     1 ? 
HETATM 381 O  O     . HOH E 3 .  ? -4.524  0.873   6.054   1.000 23.424 0 242 HOH A O     1 ? 
HETATM 382 O  O     . HOH E 3 .  ? -13.074 5.034   0.876   1.000 37.878 0 243 HOH A O     1 ? 
HETATM 383 O  O     . HOH E 3 .  ? 24.971  0.402   -8.215  1.000 38.933 0 244 HOH A O     1 ? 
HETATM 384 O  O     . HOH E 3 .  ? -5.652  10.887  4.878   1.000 34.061 0 245 HOH A O     1 ? 
HETATM 385 O  O     . HOH E 3 .  ? -14.880 4.813   5.752   1.000 32.003 0 246 HOH A O     1 ? 
HETATM 386 O  O     . HOH E 3 .  ? -19.417 3.079   6.904   1.000 34.291 0 247 HOH A O     1 ? 
HETATM 387 O  O     . HOH E 3 .  ? -4.476  -13.612 -0.983  1.000 33.035 0 248 HOH A O     1 ? 
HETATM 388 O  O     . HOH E 3 .  ? -2.222  2.202   8.454   1.000 29.469 0 249 HOH A O     1 ? 
HETATM 389 O  O     . HOH E 3 .  ? 18.047  -9.588  -3.388  1.000 27.652 0 250 HOH A O     1 ? 
HETATM 390 O  O     . HOH E 3 .  ? -5.983  12.138  11.007  1.000 22.416 0 251 HOH A O     1 ? 
HETATM 391 O  O     . HOH E 3 .  ? 3.621   -8.327  9.364   1.000 20.392 0 252 HOH A O     1 ? 
HETATM 392 O  O     . HOH E 3 .  ? -15.693 3.544   7.935   1.000 18.755 0 253 HOH A O     1 ? 
HETATM 393 O  O     . HOH E 3 .  ? -1.210  -5.258  2.318   1.000 25.081 0 254 HOH A O     1 ? 
HETATM 394 O  O     . HOH E 3 .  ? -9.218  8.699   13.219  1.000 17.208 0 255 HOH A O     1 ? 
HETATM 395 O  O     . HOH E 3 .  ? -17.414 11.698  6.620   1.000 26.109 0 256 HOH A O     1 ? 
HETATM 396 O  O     . HOH E 3 .  ? 2.332   -2.750  8.639   1.000 17.487 0 257 HOH A O     1 ? 
HETATM 397 O  O     . HOH E 3 .  ? -11.846 4.663   5.982   1.000 19.419 0 258 HOH A O     1 ? 
HETATM 398 O  O     . HOH E 3 .  ? -3.837  11.524  6.422   1.000 24.890 0 259 HOH A O     1 ? 
HETATM 399 O  O     . HOH E 3 .  ? 0.603   -8.606  -4.086  1.000 25.472 0 260 HOH A O     1 ? 
HETATM 400 O  O     . HOH E 3 .  ? 18.865  5.522   -7.558  1.000 13.736 0 261 HOH A O     1 ? 
HETATM 401 O  O     . HOH E 3 .  ? 15.779  6.299   -13.163 0.330 12.386 0 262 HOH A O     1 ? 
HETATM 402 O  O     . HOH E 3 .  ? -2.310  -2.028  1.159   1.000 24.929 0 263 HOH A O     1 ? 
HETATM 403 O  O     . HOH E 3 .  ? -8.765  4.280   15.570  1.000 32.481 0 264 HOH A O     1 ? 
HETATM 404 O  O     . HOH E 3 .  ? 22.563  0.506   -9.831  1.000 34.490 0 265 HOH A O     1 ? 
HETATM 405 O  O     . HOH E 3 .  ? 0.015   -7.563  -0.440  1.000 21.163 0 266 HOH A O     1 ? 
HETATM 406 O  O     . HOH E 3 .  ? 0.910   -11.040 5.642   1.000 20.692 0 267 HOH A O     1 ? 
HETATM 407 O  O     . HOH E 3 .  ? -8.312  -8.372  -2.399  1.000 37.079 0 268 HOH A O     1 ? 
HETATM 408 O  O     . HOH E 3 .  ? 0.999   3.310   9.687   1.000 44.523 0 269 HOH A O     1 ? 
HETATM 409 O  O     . HOH E 3 .  ? -1.048  -3.040  6.384   1.000 32.876 0 270 HOH A O     1 ? 
HETATM 410 O  O     . HOH E 3 .  ? -8.484  4.672   6.873   1.000 31.620 0 271 HOH A O     1 ? 
HETATM 411 O  O     . HOH E 3 .  ? 14.128  -2.645  -10.512 1.000 18.689 0 272 HOH A O     1 ? 
HETATM 412 O  O     . HOH E 3 .  ? -2.552  -14.756 -2.189  1.000 27.091 0 273 HOH A O     1 ? 
HETATM 413 O  O     . HOH E 3 .  ? -13.583 14.656  7.259   1.000 37.952 0 274 HOH A O     1 ? 
HETATM 414 O  O     . HOH E 3 .  ? 0.804   -13.085 2.108   1.000 28.479 0 275 HOH A O     1 ? 
HETATM 415 O  O     . HOH E 3 .  ? 19.686  -1.961  -9.644  1.000 21.749 0 276 HOH A O     1 ? 
HETATM 416 O  O     . HOH E 3 .  ? 1.586   -5.723  -3.042  1.000 27.843 0 277 HOH A O     1 ? 
HETATM 417 O  O     . HOH E 3 .  ? 10.729  0.033   -12.362 1.000 24.848 0 278 HOH A O     1 ? 
HETATM 418 O  O     . HOH E 3 .  ? 7.609   -2.630  -9.348  1.000 21.698 0 279 HOH A O     1 ? 
HETATM 419 O  O     . HOH E 3 .  ? -7.767  -9.495  2.131   1.000 35.391 0 280 HOH A O     1 ? 
HETATM 420 O  O     . HOH E 3 .  ? 25.655  1.470   -5.978  1.000 44.833 0 281 HOH A O     1 ? 
HETATM 421 O  O     . HOH E 3 .  ? -13.271 2.231   6.725   1.000 26.091 0 282 HOH A O     1 ? 
HETATM 422 O  O     . HOH E 3 .  ? -7.884  2.353   5.672   1.000 35.891 0 283 HOH A O     1 ? 
HETATM 423 O  O     . HOH E 3 .  ? -1.016  -0.909  6.834   1.000 36.144 0 284 HOH A O     1 ? 
HETATM 424 O  O     . HOH E 3 .  ? 3.402   -2.946  -2.530  1.000 31.894 0 285 HOH A O     1 ? 
HETATM 425 O  O     . HOH E 3 .  ? -4.969  -7.063  13.325  0.330 38.141 0 286 HOH A O     1 ? 
HETATM 426 O  O     . HOH E 3 .  ? -0.243  -3.538  3.973   1.000 24.011 0 287 HOH A O     1 ? 
HETATM 427 O  O     . HOH E 3 .  ? -15.818 13.232  8.290   1.000 34.661 0 288 HOH A O     1 ? 
HETATM 428 O  O     . HOH E 3 .  ? 18.680  3.832   -13.461 1.000 38.445 0 289 HOH A O     1 ? 
HETATM 429 O  O     . HOH E 3 .  ? 3.538   -7.203  5.553   1.000 35.244 0 290 HOH A O     1 ? 
HETATM 430 O  O     . HOH E 3 .  ? -10.166 6.004   0.691   1.000 45.491 0 291 HOH A O     1 ? 
HETATM 431 O  O     . HOH E 3 .  ? 0.673   3.625   6.852   1.000 41.623 0 292 HOH A O     1 ? 
HETATM 432 O  O     . HOH E 3 .  ? -3.182  5.092   4.764   1.000 33.052 0 293 HOH A O     1 ? 
HETATM 433 O  O     . HOH E 3 .  ? -1.843  1.756   5.526   1.000 37.483 0 294 HOH A O     1 ? 
HETATM 434 O  O     . HOH E 3 .  ? 13.623  -2.520  -14.502 1.000 40.789 0 295 HOH A O     1 ? 
HETATM 435 O  O     . HOH E 3 .  ? -3.947  2.554   3.836   1.000 37.145 0 296 HOH A O     1 ? 
HETATM 436 O  O     . HOH E 3 .  ? -10.120 3.655   4.016   1.000 41.570 0 297 HOH A O     1 ? 
HETATM 437 O  O     . HOH E 3 .  ? 0.504   -1.204  3.459   1.000 32.743 0 298 HOH A O     1 ? 
# 
